data_1JES
# 
_entry.id   1JES 
# 
_audit_conform.dict_name       mmcif_pdbx.dic 
_audit_conform.dict_version    5.389 
_audit_conform.dict_location   http://mmcif.pdb.org/dictionaries/ascii/mmcif_pdbx.dic 
# 
loop_
_database_2.database_id 
_database_2.database_code 
_database_2.pdbx_database_accession 
_database_2.pdbx_DOI 
PDB   1JES         pdb_00001jes 10.2210/pdb1jes/pdb 
NDB   ZD0006       ?            ?                   
RCSB  RCSB013688   ?            ?                   
WWPDB D_1000013688 ?            ?                   
# 
loop_
_pdbx_audit_revision_history.ordinal 
_pdbx_audit_revision_history.data_content_type 
_pdbx_audit_revision_history.major_revision 
_pdbx_audit_revision_history.minor_revision 
_pdbx_audit_revision_history.revision_date 
1 'Structure model' 1 0 2001-11-23 
2 'Structure model' 1 1 2008-04-27 
3 'Structure model' 1 2 2011-07-13 
4 'Structure model' 1 3 2024-02-07 
5 'Structure model' 1 4 2024-04-03 
# 
_pdbx_audit_revision_details.ordinal             1 
_pdbx_audit_revision_details.revision_ordinal    1 
_pdbx_audit_revision_details.data_content_type   'Structure model' 
_pdbx_audit_revision_details.provider            repository 
_pdbx_audit_revision_details.type                'Initial release' 
_pdbx_audit_revision_details.description         ? 
_pdbx_audit_revision_details.details             ? 
# 
loop_
_pdbx_audit_revision_group.ordinal 
_pdbx_audit_revision_group.revision_ordinal 
_pdbx_audit_revision_group.data_content_type 
_pdbx_audit_revision_group.group 
1 2 'Structure model' 'Version format compliance' 
2 3 'Structure model' 'Version format compliance' 
3 4 'Structure model' 'Data collection'           
4 4 'Structure model' 'Database references'       
5 4 'Structure model' 'Derived calculations'      
6 5 'Structure model' 'Refinement description'    
# 
loop_
_pdbx_audit_revision_category.ordinal 
_pdbx_audit_revision_category.revision_ordinal 
_pdbx_audit_revision_category.data_content_type 
_pdbx_audit_revision_category.category 
1 4 'Structure model' chem_comp_atom                
2 4 'Structure model' chem_comp_bond                
3 4 'Structure model' database_2                    
4 4 'Structure model' pdbx_struct_conn_angle        
5 4 'Structure model' struct_conn                   
6 4 'Structure model' struct_conn_type              
7 4 'Structure model' struct_site                   
8 5 'Structure model' pdbx_initial_refinement_model 
# 
loop_
_pdbx_audit_revision_item.ordinal 
_pdbx_audit_revision_item.revision_ordinal 
_pdbx_audit_revision_item.data_content_type 
_pdbx_audit_revision_item.item 
1  4 'Structure model' '_database_2.pdbx_DOI'                        
2  4 'Structure model' '_database_2.pdbx_database_accession'         
3  4 'Structure model' '_pdbx_struct_conn_angle.ptnr1_auth_asym_id'  
4  4 'Structure model' '_pdbx_struct_conn_angle.ptnr1_auth_comp_id'  
5  4 'Structure model' '_pdbx_struct_conn_angle.ptnr1_auth_seq_id'   
6  4 'Structure model' '_pdbx_struct_conn_angle.ptnr1_label_asym_id' 
7  4 'Structure model' '_pdbx_struct_conn_angle.ptnr1_label_atom_id' 
8  4 'Structure model' '_pdbx_struct_conn_angle.ptnr1_label_comp_id' 
9  4 'Structure model' '_pdbx_struct_conn_angle.ptnr1_label_seq_id'  
10 4 'Structure model' '_pdbx_struct_conn_angle.ptnr3_auth_asym_id'  
11 4 'Structure model' '_pdbx_struct_conn_angle.ptnr3_auth_comp_id'  
12 4 'Structure model' '_pdbx_struct_conn_angle.ptnr3_auth_seq_id'   
13 4 'Structure model' '_pdbx_struct_conn_angle.ptnr3_label_asym_id' 
14 4 'Structure model' '_pdbx_struct_conn_angle.ptnr3_label_atom_id' 
15 4 'Structure model' '_pdbx_struct_conn_angle.ptnr3_label_comp_id' 
16 4 'Structure model' '_pdbx_struct_conn_angle.ptnr3_label_seq_id'  
17 4 'Structure model' '_pdbx_struct_conn_angle.value'               
18 4 'Structure model' '_struct_conn.conn_type_id'                   
19 4 'Structure model' '_struct_conn.id'                             
20 4 'Structure model' '_struct_conn.pdbx_dist_value'                
21 4 'Structure model' '_struct_conn.pdbx_leaving_atom_flag'         
22 4 'Structure model' '_struct_conn.ptnr1_auth_asym_id'             
23 4 'Structure model' '_struct_conn.ptnr1_auth_comp_id'             
24 4 'Structure model' '_struct_conn.ptnr1_auth_seq_id'              
25 4 'Structure model' '_struct_conn.ptnr1_label_asym_id'            
26 4 'Structure model' '_struct_conn.ptnr1_label_atom_id'            
27 4 'Structure model' '_struct_conn.ptnr1_label_comp_id'            
28 4 'Structure model' '_struct_conn.ptnr1_label_seq_id'             
29 4 'Structure model' '_struct_conn.ptnr2_auth_asym_id'             
30 4 'Structure model' '_struct_conn.ptnr2_auth_comp_id'             
31 4 'Structure model' '_struct_conn.ptnr2_auth_seq_id'              
32 4 'Structure model' '_struct_conn.ptnr2_label_asym_id'            
33 4 'Structure model' '_struct_conn.ptnr2_label_atom_id'            
34 4 'Structure model' '_struct_conn.ptnr2_label_comp_id'            
35 4 'Structure model' '_struct_conn.ptnr2_label_seq_id'             
36 4 'Structure model' '_struct_conn_type.id'                        
37 4 'Structure model' '_struct_site.pdbx_auth_asym_id'              
38 4 'Structure model' '_struct_site.pdbx_auth_comp_id'              
39 4 'Structure model' '_struct_site.pdbx_auth_seq_id'               
# 
_pdbx_database_status.status_code                     REL 
_pdbx_database_status.entry_id                        1JES 
_pdbx_database_status.recvd_initial_deposition_date   2001-06-18 
_pdbx_database_status.deposit_site                    RCSB 
_pdbx_database_status.process_site                    RCSB 
_pdbx_database_status.status_code_sf                  REL 
_pdbx_database_status.SG_entry                        . 
_pdbx_database_status.pdb_format_compatible           Y 
_pdbx_database_status.status_code_mr                  ? 
_pdbx_database_status.status_code_cs                  ? 
_pdbx_database_status.status_code_nmr_data            ? 
_pdbx_database_status.methods_development_category    ? 
# 
loop_
_pdbx_database_related.db_name 
_pdbx_database_related.db_id 
_pdbx_database_related.details 
_pdbx_database_related.content_type 
PDB 1BNA 
;structure of 5'-(CpGpCpGpApApTpTpCpGpCpG)-3'
;
unspecified 
PDB 2ZNA 'theoretical model of Z(I)-DNA'                unspecified 
PDB 3ZNA 'theoretical model of Z(II)-DNA'               unspecified 
# 
loop_
_audit_author.name 
_audit_author.pdbx_ordinal 
'Atwell, S.'    1 
'Meggers, E.'   2 
'Spraggon, G.'  3 
'Schultz, P.G.' 4 
# 
loop_
_citation.id 
_citation.title 
_citation.journal_abbrev 
_citation.journal_volume 
_citation.page_first 
_citation.page_last 
_citation.year 
_citation.journal_id_ASTM 
_citation.country 
_citation.journal_id_ISSN 
_citation.journal_id_CSD 
_citation.book_publisher 
_citation.pdbx_database_id_PubMed 
_citation.pdbx_database_id_DOI 
primary 'Structure of a Copper-Mediated Base Pair in DNA'                         J.Am.Chem.Soc.         123 12364 12367 2001 
JACSAT US 0002-7863 0004 ? 11734038 10.1021/ja011822e 
1       'A Novel Copper-Mediated DNA Base Pair'                                   J.Am.Chem.Soc.         122 10714 10715 2000 
JACSAT US 0002-7863 0004 ? ?        10.1021/ja0025806 
2       'Left-handed double helical DNA: variations in the backbone conformation' Science                211 171   176   1981 
SCIEAS US 0036-8075 0038 ? ?        ?                 
3       'Structure of a B-DNA dodecamer: conformation and dynamics'               Proc.Natl.Acad.Sci.USA 78  2179  2183  1981 
PNASA6 US 0027-8424 0040 ? ?        ?                 
# 
loop_
_citation_author.citation_id 
_citation_author.name 
_citation_author.ordinal 
_citation_author.identifier_ORCID 
primary 'Atwell, S.'        1  ? 
primary 'Meggers, E.'       2  ? 
primary 'Spraggon, G.'      3  ? 
primary 'Schultz, P.G.'     4  ? 
1       'Meggers, E.'       5  ? 
1       'Holland, P.L.'     6  ? 
1       'Tolman, W.B.'      7  ? 
1       'Romesberg, F.E.'   8  ? 
1       'Schultz, P.G.'     9  ? 
2       'Wang, A.G.-J.'     10 ? 
2       'Quigley, G.J.'     11 ? 
2       'Kolpak, F.J.'      12 ? 
2       'van Der Marel, G.' 13 ? 
2       'van Boom, J.H.'    14 ? 
2       'Rich, A.'          15 ? 
3       'Drew, H.R.'        16 ? 
3       'Wing, R.M.'        17 ? 
3       'Takano, T.'        18 ? 
3       'Broka, C.'         19 ? 
3       'Tanaka, S.'        20 ? 
3       'Itakura, K.'       21 ? 
3       'Dickerson, R.E.'   22 ? 
# 
loop_
_entity.id 
_entity.type 
_entity.src_method 
_entity.pdbx_description 
_entity.formula_weight 
_entity.pdbx_number_of_molecules 
_entity.pdbx_ec 
_entity.pdbx_mutation 
_entity.pdbx_fragment 
_entity.details 
1 polymer     syn "5'-D(*CP*GP*CP*GP*(DPY)P*AP*TP*(DRP)P*CP*GP*CP*G)-3'" 3648.371 2  ? ? ? ? 
2 non-polymer syn 'COPPER (II) ION'                                      63.546   2  ? ? ? ? 
3 water       nat water                                                  18.015   82 ? ? ? ? 
# 
_entity_poly.entity_id                      1 
_entity_poly.type                           polydeoxyribonucleotide 
_entity_poly.nstd_linkage                   no 
_entity_poly.nstd_monomer                   yes 
_entity_poly.pdbx_seq_one_letter_code       '(DC)(DG)(DC)(DG)(DPY)(DA)(DT)(DRP)(DC)(DG)(DC)(DG)' 
_entity_poly.pdbx_seq_one_letter_code_can   CGCGNATNCGCG 
_entity_poly.pdbx_strand_id                 A,B 
_entity_poly.pdbx_target_identifier         ? 
# 
loop_
_pdbx_entity_nonpoly.entity_id 
_pdbx_entity_nonpoly.name 
_pdbx_entity_nonpoly.comp_id 
2 'COPPER (II) ION' CU  
3 water             HOH 
# 
loop_
_entity_poly_seq.entity_id 
_entity_poly_seq.num 
_entity_poly_seq.mon_id 
_entity_poly_seq.hetero 
1 1  DC  n 
1 2  DG  n 
1 3  DC  n 
1 4  DG  n 
1 5  DPY n 
1 6  DA  n 
1 7  DT  n 
1 8  DRP n 
1 9  DC  n 
1 10 DG  n 
1 11 DC  n 
1 12 DG  n 
# 
loop_
_chem_comp.id 
_chem_comp.type 
_chem_comp.mon_nstd_flag 
_chem_comp.name 
_chem_comp.pdbx_synonyms 
_chem_comp.formula 
_chem_comp.formula_weight 
CU  non-polymer   . 'COPPER (II) ION'                                                      ? 'Cu 2'            63.546  
DA  'DNA linking' y "2'-DEOXYADENOSINE-5'-MONOPHOSPHATE"                                   ? 'C10 H14 N5 O6 P' 331.222 
DC  'DNA linking' y "2'-DEOXYCYTIDINE-5'-MONOPHOSPHATE"                                    ? 'C9 H14 N3 O7 P'  307.197 
DG  'DNA linking' y "2'-DEOXYGUANOSINE-5'-MONOPHOSPHATE"                                   ? 'C10 H14 N5 O7 P' 347.221 
DPY 'DNA linking' . 
;2-DEOXYRIBOFURANOSYL-PYRIDINE-2,6-DICARBOXYLIC ACID-5'-MONOPHOSPHATE
;
? 'C12 H14 N O10 P' 363.214 
DRP 'DNA linking' . "2-DEOXYRIBOFURANOSYL-PYRIDINE-5'-MONOPHOSPHATE"                       ? 'C10 H14 N O6 P'  275.195 
DT  'DNA linking' y "THYMIDINE-5'-MONOPHOSPHATE"                                           ? 'C10 H15 N2 O8 P' 322.208 
HOH non-polymer   . WATER                                                                  ? 'H2 O'            18.015  
# 
loop_
_pdbx_poly_seq_scheme.asym_id 
_pdbx_poly_seq_scheme.entity_id 
_pdbx_poly_seq_scheme.seq_id 
_pdbx_poly_seq_scheme.mon_id 
_pdbx_poly_seq_scheme.ndb_seq_num 
_pdbx_poly_seq_scheme.pdb_seq_num 
_pdbx_poly_seq_scheme.auth_seq_num 
_pdbx_poly_seq_scheme.pdb_mon_id 
_pdbx_poly_seq_scheme.auth_mon_id 
_pdbx_poly_seq_scheme.pdb_strand_id 
_pdbx_poly_seq_scheme.pdb_ins_code 
_pdbx_poly_seq_scheme.hetero 
A 1 1  DC  1  1  1  DC  CYT A . n 
A 1 2  DG  2  2  2  DG  GUA A . n 
A 1 3  DC  3  3  3  DC  CYT A . n 
A 1 4  DG  4  4  4  DG  GUA A . n 
A 1 5  DPY 5  5  5  DPY PDC A . n 
A 1 6  DA  6  6  6  DA  ADE A . n 
A 1 7  DT  7  7  7  DT  THY A . n 
A 1 8  DRP 8  8  8  DRP PYR A . n 
A 1 9  DC  9  9  9  DC  CYT A . n 
A 1 10 DG  10 10 10 DG  GUA A . n 
A 1 11 DC  11 11 11 DC  CYT A . n 
A 1 12 DG  12 12 12 DG  GUA A . n 
B 1 1  DC  1  13 13 DC  CYT B . n 
B 1 2  DG  2  14 14 DG  GUA B . n 
B 1 3  DC  3  15 15 DC  CYT B . n 
B 1 4  DG  4  16 16 DG  GUA B . n 
B 1 5  DPY 5  17 17 DPY PDC B . n 
B 1 6  DA  6  18 18 DA  ADE B . n 
B 1 7  DT  7  19 19 DT  THY B . n 
B 1 8  DRP 8  20 20 DRP PYR B . n 
B 1 9  DC  9  21 21 DC  CYT B . n 
B 1 10 DG  10 22 22 DG  GUA B . n 
B 1 11 DC  11 23 23 DC  CYT B . n 
B 1 12 DG  12 24 24 DG  GUA B . n 
# 
loop_
_pdbx_nonpoly_scheme.asym_id 
_pdbx_nonpoly_scheme.entity_id 
_pdbx_nonpoly_scheme.mon_id 
_pdbx_nonpoly_scheme.ndb_seq_num 
_pdbx_nonpoly_scheme.pdb_seq_num 
_pdbx_nonpoly_scheme.auth_seq_num 
_pdbx_nonpoly_scheme.pdb_mon_id 
_pdbx_nonpoly_scheme.auth_mon_id 
_pdbx_nonpoly_scheme.pdb_strand_id 
_pdbx_nonpoly_scheme.pdb_ins_code 
C 2 CU  1  25  25  CU  CU2 A . 
D 2 CU  1  26  26  CU  CU2 B . 
E 3 HOH 1  29  29  HOH TIP A . 
E 3 HOH 2  31  31  HOH TIP A . 
E 3 HOH 3  33  33  HOH TIP A . 
E 3 HOH 4  35  35  HOH TIP A . 
E 3 HOH 5  36  36  HOH TIP A . 
E 3 HOH 6  37  37  HOH TIP A . 
E 3 HOH 7  38  38  HOH TIP A . 
E 3 HOH 8  45  45  HOH TIP A . 
E 3 HOH 9  46  46  HOH TIP A . 
E 3 HOH 10 47  47  HOH TIP A . 
E 3 HOH 11 48  48  HOH TIP A . 
E 3 HOH 12 49  49  HOH TIP A . 
E 3 HOH 13 50  50  HOH TIP A . 
E 3 HOH 14 54  54  HOH TIP A . 
E 3 HOH 15 56  56  HOH TIP A . 
E 3 HOH 16 57  57  HOH TIP A . 
E 3 HOH 17 58  58  HOH TIP A . 
E 3 HOH 18 59  59  HOH TIP A . 
E 3 HOH 19 60  60  HOH TIP A . 
E 3 HOH 20 61  61  HOH TIP A . 
E 3 HOH 21 63  63  HOH TIP A . 
E 3 HOH 22 64  64  HOH TIP A . 
E 3 HOH 23 66  66  HOH TIP A . 
E 3 HOH 24 70  70  HOH TIP A . 
E 3 HOH 25 75  75  HOH TIP A . 
E 3 HOH 26 78  78  HOH TIP A . 
E 3 HOH 27 81  81  HOH TIP A . 
E 3 HOH 28 83  83  HOH TIP A . 
E 3 HOH 29 84  84  HOH TIP A . 
E 3 HOH 30 88  88  HOH TIP A . 
E 3 HOH 31 89  89  HOH TIP A . 
E 3 HOH 32 92  92  HOH TIP A . 
E 3 HOH 33 94  94  HOH TIP A . 
E 3 HOH 34 95  95  HOH TIP A . 
E 3 HOH 35 96  96  HOH TIP A . 
E 3 HOH 36 97  97  HOH TIP A . 
E 3 HOH 37 98  98  HOH TIP A . 
E 3 HOH 38 99  99  HOH TIP A . 
E 3 HOH 39 102 102 HOH TIP A . 
E 3 HOH 40 103 103 HOH TIP A . 
E 3 HOH 41 106 106 HOH TIP A . 
E 3 HOH 42 107 107 HOH TIP A . 
E 3 HOH 43 108 108 HOH TIP A . 
F 3 HOH 1  27  27  HOH TIP B . 
F 3 HOH 2  28  28  HOH TIP B . 
F 3 HOH 3  30  30  HOH TIP B . 
F 3 HOH 4  32  32  HOH TIP B . 
F 3 HOH 5  34  34  HOH TIP B . 
F 3 HOH 6  39  39  HOH TIP B . 
F 3 HOH 7  40  40  HOH TIP B . 
F 3 HOH 8  41  41  HOH TIP B . 
F 3 HOH 9  42  42  HOH TIP B . 
F 3 HOH 10 43  43  HOH TIP B . 
F 3 HOH 11 44  44  HOH TIP B . 
F 3 HOH 12 51  51  HOH TIP B . 
F 3 HOH 13 52  52  HOH TIP B . 
F 3 HOH 14 53  53  HOH TIP B . 
F 3 HOH 15 55  55  HOH TIP B . 
F 3 HOH 16 62  62  HOH TIP B . 
F 3 HOH 17 65  65  HOH TIP B . 
F 3 HOH 18 67  67  HOH TIP B . 
F 3 HOH 19 68  68  HOH TIP B . 
F 3 HOH 20 69  69  HOH TIP B . 
F 3 HOH 21 71  71  HOH TIP B . 
F 3 HOH 22 72  72  HOH TIP B . 
F 3 HOH 23 73  73  HOH TIP B . 
F 3 HOH 24 74  74  HOH TIP B . 
F 3 HOH 25 76  76  HOH TIP B . 
F 3 HOH 26 77  77  HOH TIP B . 
F 3 HOH 27 79  79  HOH TIP B . 
F 3 HOH 28 80  80  HOH TIP B . 
F 3 HOH 29 82  82  HOH TIP B . 
F 3 HOH 30 85  85  HOH TIP B . 
F 3 HOH 31 86  86  HOH TIP B . 
F 3 HOH 32 87  87  HOH TIP B . 
F 3 HOH 33 90  90  HOH TIP B . 
F 3 HOH 34 91  91  HOH TIP B . 
F 3 HOH 35 93  93  HOH TIP B . 
F 3 HOH 36 100 100 HOH TIP B . 
F 3 HOH 37 101 101 HOH TIP B . 
F 3 HOH 38 104 104 HOH TIP B . 
F 3 HOH 39 105 105 HOH TIP B . 
# 
loop_
_software.name 
_software.classification 
_software.version 
_software.citation_id 
_software.pdbx_ordinal 
CNS       refinement       . ? 1 
DENZO     'data reduction' . ? 2 
SCALEPACK 'data scaling'   . ? 3 
CNS       phasing          . ? 4 
# 
_cell.entry_id           1JES 
_cell.length_a           25.343 
_cell.length_b           34.359 
_cell.length_c           31.093 
_cell.angle_alpha        90.00 
_cell.angle_beta         101.13 
_cell.angle_gamma        90.00 
_cell.Z_PDB              4 
_cell.pdbx_unique_axis   ? 
# 
_symmetry.entry_id                         1JES 
_symmetry.space_group_name_H-M             'P 1 21 1' 
_symmetry.pdbx_full_space_group_name_H-M   ? 
_symmetry.cell_setting                     ? 
_symmetry.Int_Tables_number                4 
# 
_exptl.entry_id          1JES 
_exptl.method            'X-RAY DIFFRACTION' 
_exptl.crystals_number   1 
# 
_exptl_crystal.id                    1 
_exptl_crystal.density_meas          ? 
_exptl_crystal.density_Matthews      1.82 
_exptl_crystal.density_percent_sol   32.43 
_exptl_crystal.description           ? 
# 
_exptl_crystal_grow.crystal_id      1 
_exptl_crystal_grow.method          'VAPOR DIFFUSION, HANGING DROP' 
_exptl_crystal_grow.temp            298 
_exptl_crystal_grow.temp_details    ? 
_exptl_crystal_grow.pH              7.0 
_exptl_crystal_grow.pdbx_details    
;10% MPD, 40 mM Na Cacodylate, 12 mM Spermine tetra-HCl, 80 mM NaCl, 20 mM MgCl2, pH 7.0, VAPOR DIFFUSION, HANGING DROP, temperature 298K
;
_exptl_crystal_grow.pdbx_pH_range   ? 
# 
loop_
_exptl_crystal_grow_comp.crystal_id 
_exptl_crystal_grow_comp.id 
_exptl_crystal_grow_comp.sol_id 
_exptl_crystal_grow_comp.name 
_exptl_crystal_grow_comp.volume 
_exptl_crystal_grow_comp.conc 
_exptl_crystal_grow_comp.details 
1 1 1 MPD                  ? ? ? 
1 2 1 'Na Cacodylate'      ? ? ? 
1 3 1 'Spermine tetra-HCl' ? ? ? 
1 4 1 NaCl                 ? ? ? 
1 5 1 MgCl2                ? ? ? 
# 
_diffrn.id                     1 
_diffrn.ambient_temp           140 
_diffrn.ambient_temp_details   ? 
_diffrn.crystal_id             1 
# 
_diffrn_detector.diffrn_id              1 
_diffrn_detector.detector               CCD 
_diffrn_detector.type                   'ADSC QUANTUM 4' 
_diffrn_detector.pdbx_collection_date   2001-04-06 
_diffrn_detector.details                'Curved Si (111)' 
# 
_diffrn_radiation.diffrn_id                        1 
_diffrn_radiation.wavelength_id                    1 
_diffrn_radiation.pdbx_monochromatic_or_laue_m_l   M 
_diffrn_radiation.monochromator                    ? 
_diffrn_radiation.pdbx_diffrn_protocol             MAD 
_diffrn_radiation.pdbx_scattering_type             x-ray 
# 
loop_
_diffrn_radiation_wavelength.id 
_diffrn_radiation_wavelength.wavelength 
_diffrn_radiation_wavelength.wt 
1 1.37991 1.0 
2 1.37791 1.0 
3 1.0     1.0 
# 
_diffrn_source.diffrn_id                   1 
_diffrn_source.source                      SYNCHROTRON 
_diffrn_source.type                        'ALS BEAMLINE 5.0.2' 
_diffrn_source.pdbx_synchrotron_site       ALS 
_diffrn_source.pdbx_synchrotron_beamline   5.0.2 
_diffrn_source.pdbx_wavelength             ? 
_diffrn_source.pdbx_wavelength_list        1.37991,1.37791,1.0 
# 
_reflns.entry_id                     1JES 
_reflns.observed_criterion_sigma_I   0 
_reflns.observed_criterion_sigma_F   0 
_reflns.d_resolution_low             50 
_reflns.d_resolution_high            1.5 
_reflns.number_obs                   47190 
_reflns.number_all                   47272 
_reflns.percent_possible_obs         98.2 
_reflns.pdbx_Rmerge_I_obs            ? 
_reflns.pdbx_Rsym_value              0.0960000 
_reflns.pdbx_netI_over_sigmaI        46.7 
_reflns.B_iso_Wilson_estimate        14.058 
_reflns.pdbx_redundancy              5.5 
_reflns.R_free_details               ? 
_reflns.pdbx_diffrn_id               1 
_reflns.pdbx_ordinal                 1 
# 
_reflns_shell.d_res_high             1.49 
_reflns_shell.d_res_low              1.54 
_reflns_shell.percent_possible_all   84.1 
_reflns_shell.Rmerge_I_obs           0.6860000 
_reflns_shell.pdbx_Rsym_value        ? 
_reflns_shell.meanI_over_sigI_obs    ? 
_reflns_shell.pdbx_redundancy        ? 
_reflns_shell.percent_possible_obs   ? 
_reflns_shell.number_unique_all      ? 
_reflns_shell.pdbx_diffrn_id         ? 
_reflns_shell.pdbx_ordinal           1 
# 
_refine.entry_id                                 1JES 
_refine.ls_number_reflns_obs                     8520 
_refine.ls_number_reflns_all                     8520 
_refine.pdbx_ls_sigma_I                          0 
_refine.pdbx_ls_sigma_F                          0 
_refine.pdbx_data_cutoff_high_absF               ? 
_refine.pdbx_data_cutoff_low_absF                ? 
_refine.ls_d_res_low                             50 
_refine.ls_d_res_high                            1.5 
_refine.ls_percent_reflns_obs                    98 
_refine.ls_R_factor_obs                          ? 
_refine.ls_R_factor_all                          ? 
_refine.ls_R_factor_R_work                       0.1690000 
_refine.ls_R_factor_R_free                       0.2020000 
_refine.ls_R_factor_R_free_error                 ? 
_refine.ls_R_factor_R_free_error_details         ? 
_refine.ls_percent_reflns_R_free                 8 
_refine.ls_number_reflns_R_free                  682 
_refine.ls_number_parameters                     ? 
_refine.ls_number_restraints                     ? 
_refine.occupancy_min                            ? 
_refine.occupancy_max                            ? 
_refine.B_iso_mean                               ? 
_refine.aniso_B[1][1]                            -0.399 
_refine.aniso_B[2][2]                            -0.007 
_refine.aniso_B[3][3]                            0.406 
_refine.aniso_B[1][2]                            0.000 
_refine.aniso_B[1][3]                            -0.784 
_refine.aniso_B[2][3]                            0.000 
_refine.solvent_model_details                    ? 
_refine.solvent_model_param_ksol                 ? 
_refine.solvent_model_param_bsol                 ? 
_refine.pdbx_ls_cross_valid_method               'free r' 
_refine.details                                  
;The fofc maps indicated an alternate conformation for the phosphate of B23, 
and so the structure was refined with two conformations for the phosphate of 
B23 (excepting the O5') and most of residue B22 (excepting O5'), each with 
0.5 occupancy.
;
_refine.pdbx_starting_model                      'initial map fit with mononucleotides' 
_refine.pdbx_method_to_determine_struct          MAD 
_refine.pdbx_isotropic_thermal_model             ? 
_refine.pdbx_stereochemistry_target_values       
;G. Parkinson, J. Vojtechovsky, L. Clowney, A.T. Brunger, H.M. Berman, 
New Parameters for the Refinement of Nucleic Acid Containing Structures, 
Acta Cryst. D, 52, 57-64 (1996).
;
_refine.pdbx_stereochem_target_val_spec_case     ? 
_refine.pdbx_R_Free_selection_details            'Random 8%' 
_refine.pdbx_overall_ESU_R_Free                  ? 
_refine.overall_SU_B                             ? 
_refine.ls_redundancy_reflns_obs                 ? 
_refine.correlation_coeff_Fo_to_Fc               ? 
_refine.correlation_coeff_Fo_to_Fc_free          ? 
_refine.overall_SU_R_Cruickshank_DPI             ? 
_refine.overall_SU_R_free                        ? 
_refine.overall_SU_ML                            ? 
_refine.pdbx_overall_ESU_R                       ? 
_refine.pdbx_data_cutoff_high_rms_absF           ? 
_refine.pdbx_refine_id                           'X-RAY DIFFRACTION' 
_refine.pdbx_diffrn_id                           1 
_refine.pdbx_TLS_residual_ADP_flag               ? 
_refine.pdbx_solvent_vdw_probe_radii             ? 
_refine.pdbx_solvent_ion_probe_radii             ? 
_refine.pdbx_solvent_shrinkage_radii             ? 
_refine.pdbx_overall_phase_error                 ? 
_refine.pdbx_overall_SU_R_free_Cruickshank_DPI   ? 
_refine.pdbx_overall_SU_R_Blow_DPI               ? 
_refine.pdbx_overall_SU_R_free_Blow_DPI          ? 
# 
_refine_hist.pdbx_refine_id                   'X-RAY DIFFRACTION' 
_refine_hist.cycle_id                         LAST 
_refine_hist.pdbx_number_atoms_protein        0 
_refine_hist.pdbx_number_atoms_nucleic_acid   505 
_refine_hist.pdbx_number_atoms_ligand         2 
_refine_hist.number_atoms_solvent             82 
_refine_hist.number_atoms_total               589 
_refine_hist.d_res_high                       1.5 
_refine_hist.d_res_low                        50 
# 
loop_
_refine_ls_restr.type 
_refine_ls_restr.dev_ideal 
_refine_ls_restr.dev_ideal_target 
_refine_ls_restr.weight 
_refine_ls_restr.number 
_refine_ls_restr.pdbx_refine_id 
_refine_ls_restr.pdbx_restraint_function 
c_bond_d    0.00893 ? ? ? 'X-RAY DIFFRACTION' ? 
c_angle_deg 1.56    ? ? ? 'X-RAY DIFFRACTION' ? 
# 
_struct.entry_id                  1JES 
_struct.title                     'Crystal Structure of a Copper-Mediated Base Pair in DNA' 
_struct.pdbx_model_details        ? 
_struct.pdbx_CASP_flag            ? 
_struct.pdbx_model_type_details   ? 
# 
_struct_keywords.entry_id        1JES 
_struct_keywords.pdbx_keywords   DNA 
_struct_keywords.text            'Cu, copper, DNA, Z-DNA, dodecamer, duplex, unnatural, designed' 
# 
loop_
_struct_asym.id 
_struct_asym.pdbx_blank_PDB_chainid_flag 
_struct_asym.pdbx_modified 
_struct_asym.entity_id 
_struct_asym.details 
A N N 1 ? 
B N N 1 ? 
C N N 2 ? 
D N N 2 ? 
E N N 3 ? 
F N N 3 ? 
# 
_struct_ref.id                         1 
_struct_ref.entity_id                  1 
_struct_ref.db_name                    PDB 
_struct_ref.db_code                    1JES 
_struct_ref.pdbx_db_accession          1JES 
_struct_ref.pdbx_db_isoform            ? 
_struct_ref.pdbx_seq_one_letter_code   ? 
_struct_ref.pdbx_align_begin           ? 
# 
loop_
_struct_ref_seq.align_id 
_struct_ref_seq.ref_id 
_struct_ref_seq.pdbx_PDB_id_code 
_struct_ref_seq.pdbx_strand_id 
_struct_ref_seq.seq_align_beg 
_struct_ref_seq.pdbx_seq_align_beg_ins_code 
_struct_ref_seq.seq_align_end 
_struct_ref_seq.pdbx_seq_align_end_ins_code 
_struct_ref_seq.pdbx_db_accession 
_struct_ref_seq.db_align_beg 
_struct_ref_seq.pdbx_db_align_beg_ins_code 
_struct_ref_seq.db_align_end 
_struct_ref_seq.pdbx_db_align_end_ins_code 
_struct_ref_seq.pdbx_auth_seq_align_beg 
_struct_ref_seq.pdbx_auth_seq_align_end 
1 1 1JES A 1 ? 12 ? 1JES 1  ? 12 ? 1  12 
2 1 1JES B 1 ? 12 ? 1JES 13 ? 24 ? 13 24 
# 
_pdbx_struct_assembly.id                   1 
_pdbx_struct_assembly.details              author_defined_assembly 
_pdbx_struct_assembly.method_details       ? 
_pdbx_struct_assembly.oligomeric_details   dimeric 
_pdbx_struct_assembly.oligomeric_count     2 
# 
_pdbx_struct_assembly_gen.assembly_id       1 
_pdbx_struct_assembly_gen.oper_expression   1 
_pdbx_struct_assembly_gen.asym_id_list      A,B,C,D,E,F 
# 
_pdbx_struct_oper_list.id                   1 
_pdbx_struct_oper_list.type                 'identity operation' 
_pdbx_struct_oper_list.name                 1_555 
_pdbx_struct_oper_list.symmetry_operation   x,y,z 
_pdbx_struct_oper_list.matrix[1][1]         1.0000000000 
_pdbx_struct_oper_list.matrix[1][2]         0.0000000000 
_pdbx_struct_oper_list.matrix[1][3]         0.0000000000 
_pdbx_struct_oper_list.vector[1]            0.0000000000 
_pdbx_struct_oper_list.matrix[2][1]         0.0000000000 
_pdbx_struct_oper_list.matrix[2][2]         1.0000000000 
_pdbx_struct_oper_list.matrix[2][3]         0.0000000000 
_pdbx_struct_oper_list.vector[2]            0.0000000000 
_pdbx_struct_oper_list.matrix[3][1]         0.0000000000 
_pdbx_struct_oper_list.matrix[3][2]         0.0000000000 
_pdbx_struct_oper_list.matrix[3][3]         1.0000000000 
_pdbx_struct_oper_list.vector[3]            0.0000000000 
# 
loop_
_struct_conn.id 
_struct_conn.conn_type_id 
_struct_conn.pdbx_leaving_atom_flag 
_struct_conn.pdbx_PDB_id 
_struct_conn.ptnr1_label_asym_id 
_struct_conn.ptnr1_label_comp_id 
_struct_conn.ptnr1_label_seq_id 
_struct_conn.ptnr1_label_atom_id 
_struct_conn.pdbx_ptnr1_label_alt_id 
_struct_conn.pdbx_ptnr1_PDB_ins_code 
_struct_conn.pdbx_ptnr1_standard_comp_id 
_struct_conn.ptnr1_symmetry 
_struct_conn.ptnr2_label_asym_id 
_struct_conn.ptnr2_label_comp_id 
_struct_conn.ptnr2_label_seq_id 
_struct_conn.ptnr2_label_atom_id 
_struct_conn.pdbx_ptnr2_label_alt_id 
_struct_conn.pdbx_ptnr2_PDB_ins_code 
_struct_conn.ptnr1_auth_asym_id 
_struct_conn.ptnr1_auth_comp_id 
_struct_conn.ptnr1_auth_seq_id 
_struct_conn.ptnr2_auth_asym_id 
_struct_conn.ptnr2_auth_comp_id 
_struct_conn.ptnr2_auth_seq_id 
_struct_conn.ptnr2_symmetry 
_struct_conn.pdbx_ptnr3_label_atom_id 
_struct_conn.pdbx_ptnr3_label_seq_id 
_struct_conn.pdbx_ptnr3_label_comp_id 
_struct_conn.pdbx_ptnr3_label_asym_id 
_struct_conn.pdbx_ptnr3_label_alt_id 
_struct_conn.pdbx_ptnr3_PDB_ins_code 
_struct_conn.details 
_struct_conn.pdbx_dist_value 
_struct_conn.pdbx_value_order 
_struct_conn.pdbx_role 
covale1  covale both ? A DG  4  "O3'" ? ? ? 1_555 A DPY 5  P  ? ? A DG  4  A DPY 5  1_555 ? ? ? ? ? ? ?            1.592 ? ? 
covale2  covale both ? A DPY 5  "O3'" ? ? ? 1_555 A DA  6  P  ? ? A DPY 5  A DA  6  1_555 ? ? ? ? ? ? ?            1.610 ? ? 
covale3  covale both ? A DT  7  "O3'" ? ? ? 1_555 A DRP 8  P  ? ? A DT  7  A DRP 8  1_555 ? ? ? ? ? ? ?            1.619 ? ? 
covale4  covale both ? A DRP 8  "O3'" ? ? ? 1_555 A DC  9  P  ? ? A DRP 8  A DC  9  1_555 ? ? ? ? ? ? ?            1.620 ? ? 
covale5  covale both ? B DG  4  "O3'" ? ? ? 1_555 B DPY 5  P  ? ? B DG  16 B DPY 17 1_555 ? ? ? ? ? ? ?            1.594 ? ? 
covale6  covale both ? B DPY 5  "O3'" ? ? ? 1_555 B DA  6  P  ? ? B DPY 17 B DA  18 1_555 ? ? ? ? ? ? ?            1.610 ? ? 
covale7  covale both ? B DT  7  "O3'" ? ? ? 1_555 B DRP 8  P  ? ? B DT  19 B DRP 20 1_555 ? ? ? ? ? ? ?            1.611 ? ? 
covale8  covale both ? B DRP 8  "O3'" ? ? ? 1_555 B DC  9  P  ? ? B DRP 20 B DC  21 1_555 ? ? ? ? ? ? ?            1.602 ? ? 
metalc1  metalc ?    ? A DPY 5  N3    ? ? ? 1_555 C CU  .  CU ? ? A DPY 5  A CU  25 1_555 ? ? ? ? ? ? ?            1.906 ? ? 
metalc2  metalc ?    ? A DPY 5  O72   ? ? ? 1_555 C CU  .  CU ? ? A DPY 5  A CU  25 1_555 ? ? ? ? ? ? ?            2.281 ? ? 
metalc3  metalc ?    ? A DPY 5  O82   ? ? ? 1_555 C CU  .  CU ? ? A DPY 5  A CU  25 1_555 ? ? ? ? ? ? ?            2.334 ? ? 
metalc4  metalc ?    ? A DRP 8  N3    ? ? ? 1_555 D CU  .  CU ? ? A DRP 8  B CU  26 1_555 ? ? ? ? ? ? ?            1.858 ? ? 
metalc5  metalc ?    ? C CU  .  CU    ? ? ? 1_555 B DRP 8  N3 ? ? A CU  25 B DRP 20 1_555 ? ? ? ? ? ? ?            1.893 ? ? 
metalc6  metalc ?    ? B DPY 5  N3    ? ? ? 1_555 D CU  .  CU ? ? B DPY 17 B CU  26 1_555 ? ? ? ? ? ? ?            1.921 ? ? 
metalc7  metalc ?    ? B DPY 5  O72   ? ? ? 1_555 D CU  .  CU ? ? B DPY 17 B CU  26 1_555 ? ? ? ? ? ? ?            2.221 ? ? 
metalc8  metalc ?    ? B DPY 5  O82   ? ? ? 1_555 D CU  .  CU ? ? B DPY 17 B CU  26 1_555 ? ? ? ? ? ? ?            2.261 ? ? 
hydrog1  hydrog ?    ? A DC  1  N3    ? ? ? 1_555 B DG  12 N1 ? ? A DC  1  B DG  24 1_555 ? ? ? ? ? ? WATSON-CRICK ?     ? ? 
hydrog2  hydrog ?    ? A DC  1  N4    ? ? ? 1_555 B DG  12 O6 ? ? A DC  1  B DG  24 1_555 ? ? ? ? ? ? WATSON-CRICK ?     ? ? 
hydrog3  hydrog ?    ? A DC  1  O2    ? ? ? 1_555 B DG  12 N2 ? ? A DC  1  B DG  24 1_555 ? ? ? ? ? ? WATSON-CRICK ?     ? ? 
hydrog4  hydrog ?    ? A DG  2  N1    ? ? ? 1_555 B DC  11 N3 ? ? A DG  2  B DC  23 1_555 ? ? ? ? ? ? WATSON-CRICK ?     ? ? 
hydrog5  hydrog ?    ? A DG  2  N2    ? ? ? 1_555 B DC  11 O2 ? ? A DG  2  B DC  23 1_555 ? ? ? ? ? ? WATSON-CRICK ?     ? ? 
hydrog6  hydrog ?    ? A DG  2  O6    ? ? ? 1_555 B DC  11 N4 ? ? A DG  2  B DC  23 1_555 ? ? ? ? ? ? WATSON-CRICK ?     ? ? 
hydrog7  hydrog ?    ? A DC  3  N3    ? ? ? 1_555 B DG  10 N1 A ? A DC  3  B DG  22 1_555 ? ? ? ? ? ? WATSON-CRICK ?     ? ? 
hydrog8  hydrog ?    ? A DC  3  N4    ? ? ? 1_555 B DG  10 O6 A ? A DC  3  B DG  22 1_555 ? ? ? ? ? ? WATSON-CRICK ?     ? ? 
hydrog9  hydrog ?    ? A DC  3  O2    ? ? ? 1_555 B DG  10 N2 A ? A DC  3  B DG  22 1_555 ? ? ? ? ? ? WATSON-CRICK ?     ? ? 
hydrog10 hydrog ?    ? A DG  4  N1    ? ? ? 1_555 B DC  9  N3 ? ? A DG  4  B DC  21 1_555 ? ? ? ? ? ? WATSON-CRICK ?     ? ? 
hydrog11 hydrog ?    ? A DG  4  N2    ? ? ? 1_555 B DC  9  O2 ? ? A DG  4  B DC  21 1_555 ? ? ? ? ? ? WATSON-CRICK ?     ? ? 
hydrog12 hydrog ?    ? A DG  4  O6    ? ? ? 1_555 B DC  9  N4 ? ? A DG  4  B DC  21 1_555 ? ? ? ? ? ? WATSON-CRICK ?     ? ? 
hydrog13 hydrog ?    ? A DA  6  N1    ? ? ? 1_555 B DT  7  N3 ? ? A DA  6  B DT  19 1_555 ? ? ? ? ? ? WATSON-CRICK ?     ? ? 
hydrog14 hydrog ?    ? A DA  6  N6    ? ? ? 1_555 B DT  7  O4 ? ? A DA  6  B DT  19 1_555 ? ? ? ? ? ? WATSON-CRICK ?     ? ? 
hydrog15 hydrog ?    ? A DT  7  N3    ? ? ? 1_555 B DA  6  N1 ? ? A DT  7  B DA  18 1_555 ? ? ? ? ? ? WATSON-CRICK ?     ? ? 
hydrog16 hydrog ?    ? A DT  7  O4    ? ? ? 1_555 B DA  6  N6 ? ? A DT  7  B DA  18 1_555 ? ? ? ? ? ? WATSON-CRICK ?     ? ? 
hydrog17 hydrog ?    ? A DC  9  N3    ? ? ? 1_555 B DG  4  N1 ? ? A DC  9  B DG  16 1_555 ? ? ? ? ? ? WATSON-CRICK ?     ? ? 
hydrog18 hydrog ?    ? A DC  9  N4    ? ? ? 1_555 B DG  4  O6 ? ? A DC  9  B DG  16 1_555 ? ? ? ? ? ? WATSON-CRICK ?     ? ? 
hydrog19 hydrog ?    ? A DC  9  O2    ? ? ? 1_555 B DG  4  N2 ? ? A DC  9  B DG  16 1_555 ? ? ? ? ? ? WATSON-CRICK ?     ? ? 
hydrog20 hydrog ?    ? A DG  10 N1    ? ? ? 1_555 B DC  3  N3 ? ? A DG  10 B DC  15 1_555 ? ? ? ? ? ? WATSON-CRICK ?     ? ? 
hydrog21 hydrog ?    ? A DG  10 N2    ? ? ? 1_555 B DC  3  O2 ? ? A DG  10 B DC  15 1_555 ? ? ? ? ? ? WATSON-CRICK ?     ? ? 
hydrog22 hydrog ?    ? A DG  10 O6    ? ? ? 1_555 B DC  3  N4 ? ? A DG  10 B DC  15 1_555 ? ? ? ? ? ? WATSON-CRICK ?     ? ? 
hydrog23 hydrog ?    ? A DC  11 N3    ? ? ? 1_555 B DG  2  N1 ? ? A DC  11 B DG  14 1_555 ? ? ? ? ? ? WATSON-CRICK ?     ? ? 
hydrog24 hydrog ?    ? A DC  11 N4    ? ? ? 1_555 B DG  2  O6 ? ? A DC  11 B DG  14 1_555 ? ? ? ? ? ? WATSON-CRICK ?     ? ? 
hydrog25 hydrog ?    ? A DC  11 O2    ? ? ? 1_555 B DG  2  N2 ? ? A DC  11 B DG  14 1_555 ? ? ? ? ? ? WATSON-CRICK ?     ? ? 
hydrog26 hydrog ?    ? A DG  12 N1    ? ? ? 1_555 B DC  1  N3 ? ? A DG  12 B DC  13 1_555 ? ? ? ? ? ? WATSON-CRICK ?     ? ? 
hydrog27 hydrog ?    ? A DG  12 N2    ? ? ? 1_555 B DC  1  O2 ? ? A DG  12 B DC  13 1_555 ? ? ? ? ? ? WATSON-CRICK ?     ? ? 
hydrog28 hydrog ?    ? A DG  12 O6    ? ? ? 1_555 B DC  1  N4 ? ? A DG  12 B DC  13 1_555 ? ? ? ? ? ? WATSON-CRICK ?     ? ? 
# 
loop_
_struct_conn_type.id 
_struct_conn_type.criteria 
_struct_conn_type.reference 
covale ? ? 
metalc ? ? 
hydrog ? ? 
# 
loop_
_pdbx_struct_conn_angle.id 
_pdbx_struct_conn_angle.ptnr1_label_atom_id 
_pdbx_struct_conn_angle.ptnr1_label_alt_id 
_pdbx_struct_conn_angle.ptnr1_label_asym_id 
_pdbx_struct_conn_angle.ptnr1_label_comp_id 
_pdbx_struct_conn_angle.ptnr1_label_seq_id 
_pdbx_struct_conn_angle.ptnr1_auth_atom_id 
_pdbx_struct_conn_angle.ptnr1_auth_asym_id 
_pdbx_struct_conn_angle.ptnr1_auth_comp_id 
_pdbx_struct_conn_angle.ptnr1_auth_seq_id 
_pdbx_struct_conn_angle.ptnr1_PDB_ins_code 
_pdbx_struct_conn_angle.ptnr1_symmetry 
_pdbx_struct_conn_angle.ptnr2_label_atom_id 
_pdbx_struct_conn_angle.ptnr2_label_alt_id 
_pdbx_struct_conn_angle.ptnr2_label_asym_id 
_pdbx_struct_conn_angle.ptnr2_label_comp_id 
_pdbx_struct_conn_angle.ptnr2_label_seq_id 
_pdbx_struct_conn_angle.ptnr2_auth_atom_id 
_pdbx_struct_conn_angle.ptnr2_auth_asym_id 
_pdbx_struct_conn_angle.ptnr2_auth_comp_id 
_pdbx_struct_conn_angle.ptnr2_auth_seq_id 
_pdbx_struct_conn_angle.ptnr2_PDB_ins_code 
_pdbx_struct_conn_angle.ptnr2_symmetry 
_pdbx_struct_conn_angle.ptnr3_label_atom_id 
_pdbx_struct_conn_angle.ptnr3_label_alt_id 
_pdbx_struct_conn_angle.ptnr3_label_asym_id 
_pdbx_struct_conn_angle.ptnr3_label_comp_id 
_pdbx_struct_conn_angle.ptnr3_label_seq_id 
_pdbx_struct_conn_angle.ptnr3_auth_atom_id 
_pdbx_struct_conn_angle.ptnr3_auth_asym_id 
_pdbx_struct_conn_angle.ptnr3_auth_comp_id 
_pdbx_struct_conn_angle.ptnr3_auth_seq_id 
_pdbx_struct_conn_angle.ptnr3_PDB_ins_code 
_pdbx_struct_conn_angle.ptnr3_symmetry 
_pdbx_struct_conn_angle.value 
_pdbx_struct_conn_angle.value_esd 
1  N3  ? A DPY 5 ? A DPY 5  ? 1_555 CU ? C CU . ? A CU 25 ? 1_555 O72 ? A DPY 5 ? A DPY 5  ? 1_555 74.6  ? 
2  N3  ? A DPY 5 ? A DPY 5  ? 1_555 CU ? C CU . ? A CU 25 ? 1_555 O82 ? A DPY 5 ? A DPY 5  ? 1_555 79.0  ? 
3  O72 ? A DPY 5 ? A DPY 5  ? 1_555 CU ? C CU . ? A CU 25 ? 1_555 O82 ? A DPY 5 ? A DPY 5  ? 1_555 152.8 ? 
4  N3  ? A DPY 5 ? A DPY 5  ? 1_555 CU ? C CU . ? A CU 25 ? 1_555 N3  ? B DRP 8 ? B DRP 20 ? 1_555 171.7 ? 
5  O72 ? A DPY 5 ? A DPY 5  ? 1_555 CU ? C CU . ? A CU 25 ? 1_555 N3  ? B DRP 8 ? B DRP 20 ? 1_555 97.5  ? 
6  O82 ? A DPY 5 ? A DPY 5  ? 1_555 CU ? C CU . ? A CU 25 ? 1_555 N3  ? B DRP 8 ? B DRP 20 ? 1_555 109.1 ? 
7  N3  ? A DRP 8 ? A DRP 8  ? 1_555 CU ? D CU . ? B CU 26 ? 1_555 N3  ? B DPY 5 ? B DPY 17 ? 1_555 171.6 ? 
8  N3  ? A DRP 8 ? A DRP 8  ? 1_555 CU ? D CU . ? B CU 26 ? 1_555 O72 ? B DPY 5 ? B DPY 17 ? 1_555 97.1  ? 
9  N3  ? B DPY 5 ? B DPY 17 ? 1_555 CU ? D CU . ? B CU 26 ? 1_555 O72 ? B DPY 5 ? B DPY 17 ? 1_555 75.5  ? 
10 N3  ? A DRP 8 ? A DRP 8  ? 1_555 CU ? D CU . ? B CU 26 ? 1_555 O82 ? B DPY 5 ? B DPY 17 ? 1_555 108.7 ? 
11 N3  ? B DPY 5 ? B DPY 17 ? 1_555 CU ? D CU . ? B CU 26 ? 1_555 O82 ? B DPY 5 ? B DPY 17 ? 1_555 79.1  ? 
12 O72 ? B DPY 5 ? B DPY 17 ? 1_555 CU ? D CU . ? B CU 26 ? 1_555 O82 ? B DPY 5 ? B DPY 17 ? 1_555 153.8 ? 
# 
loop_
_struct_site.id 
_struct_site.pdbx_evidence_code 
_struct_site.pdbx_auth_asym_id 
_struct_site.pdbx_auth_comp_id 
_struct_site.pdbx_auth_seq_id 
_struct_site.pdbx_auth_ins_code 
_struct_site.pdbx_num_residues 
_struct_site.details 
AC1 Software A CU 25 ? 4 'BINDING SITE FOR RESIDUE CU A 25' 
AC2 Software B CU 26 ? 4 'BINDING SITE FOR RESIDUE CU B 26' 
# 
loop_
_struct_site_gen.id 
_struct_site_gen.site_id 
_struct_site_gen.pdbx_num_res 
_struct_site_gen.label_comp_id 
_struct_site_gen.label_asym_id 
_struct_site_gen.label_seq_id 
_struct_site_gen.pdbx_auth_ins_code 
_struct_site_gen.auth_comp_id 
_struct_site_gen.auth_asym_id 
_struct_site_gen.auth_seq_id 
_struct_site_gen.label_atom_id 
_struct_site_gen.label_alt_id 
_struct_site_gen.symmetry 
_struct_site_gen.details 
1 AC1 4 DG  A 4 ? DG  A 4  . ? 1_555 ? 
2 AC1 4 DPY A 5 ? DPY A 5  . ? 1_555 ? 
3 AC1 4 DT  B 7 ? DT  B 19 . ? 1_555 ? 
4 AC1 4 DRP B 8 ? DRP B 20 . ? 1_555 ? 
5 AC2 4 DT  A 7 ? DT  A 7  . ? 1_555 ? 
6 AC2 4 DRP A 8 ? DRP A 8  . ? 1_555 ? 
7 AC2 4 DG  B 4 ? DG  B 16 . ? 1_555 ? 
8 AC2 4 DPY B 5 ? DPY B 17 . ? 1_555 ? 
# 
loop_
_chem_comp_atom.comp_id 
_chem_comp_atom.atom_id 
_chem_comp_atom.type_symbol 
_chem_comp_atom.pdbx_aromatic_flag 
_chem_comp_atom.pdbx_stereo_config 
_chem_comp_atom.pdbx_ordinal 
CU  CU     CU N N 1   
DA  OP3    O  N N 2   
DA  P      P  N N 3   
DA  OP1    O  N N 4   
DA  OP2    O  N N 5   
DA  "O5'"  O  N N 6   
DA  "C5'"  C  N N 7   
DA  "C4'"  C  N R 8   
DA  "O4'"  O  N N 9   
DA  "C3'"  C  N S 10  
DA  "O3'"  O  N N 11  
DA  "C2'"  C  N N 12  
DA  "C1'"  C  N R 13  
DA  N9     N  Y N 14  
DA  C8     C  Y N 15  
DA  N7     N  Y N 16  
DA  C5     C  Y N 17  
DA  C6     C  Y N 18  
DA  N6     N  N N 19  
DA  N1     N  Y N 20  
DA  C2     C  Y N 21  
DA  N3     N  Y N 22  
DA  C4     C  Y N 23  
DA  HOP3   H  N N 24  
DA  HOP2   H  N N 25  
DA  "H5'"  H  N N 26  
DA  "H5''" H  N N 27  
DA  "H4'"  H  N N 28  
DA  "H3'"  H  N N 29  
DA  "HO3'" H  N N 30  
DA  "H2'"  H  N N 31  
DA  "H2''" H  N N 32  
DA  "H1'"  H  N N 33  
DA  H8     H  N N 34  
DA  H61    H  N N 35  
DA  H62    H  N N 36  
DA  H2     H  N N 37  
DC  OP3    O  N N 38  
DC  P      P  N N 39  
DC  OP1    O  N N 40  
DC  OP2    O  N N 41  
DC  "O5'"  O  N N 42  
DC  "C5'"  C  N N 43  
DC  "C4'"  C  N R 44  
DC  "O4'"  O  N N 45  
DC  "C3'"  C  N S 46  
DC  "O3'"  O  N N 47  
DC  "C2'"  C  N N 48  
DC  "C1'"  C  N R 49  
DC  N1     N  N N 50  
DC  C2     C  N N 51  
DC  O2     O  N N 52  
DC  N3     N  N N 53  
DC  C4     C  N N 54  
DC  N4     N  N N 55  
DC  C5     C  N N 56  
DC  C6     C  N N 57  
DC  HOP3   H  N N 58  
DC  HOP2   H  N N 59  
DC  "H5'"  H  N N 60  
DC  "H5''" H  N N 61  
DC  "H4'"  H  N N 62  
DC  "H3'"  H  N N 63  
DC  "HO3'" H  N N 64  
DC  "H2'"  H  N N 65  
DC  "H2''" H  N N 66  
DC  "H1'"  H  N N 67  
DC  H41    H  N N 68  
DC  H42    H  N N 69  
DC  H5     H  N N 70  
DC  H6     H  N N 71  
DG  OP3    O  N N 72  
DG  P      P  N N 73  
DG  OP1    O  N N 74  
DG  OP2    O  N N 75  
DG  "O5'"  O  N N 76  
DG  "C5'"  C  N N 77  
DG  "C4'"  C  N R 78  
DG  "O4'"  O  N N 79  
DG  "C3'"  C  N S 80  
DG  "O3'"  O  N N 81  
DG  "C2'"  C  N N 82  
DG  "C1'"  C  N R 83  
DG  N9     N  Y N 84  
DG  C8     C  Y N 85  
DG  N7     N  Y N 86  
DG  C5     C  Y N 87  
DG  C6     C  N N 88  
DG  O6     O  N N 89  
DG  N1     N  N N 90  
DG  C2     C  N N 91  
DG  N2     N  N N 92  
DG  N3     N  N N 93  
DG  C4     C  Y N 94  
DG  HOP3   H  N N 95  
DG  HOP2   H  N N 96  
DG  "H5'"  H  N N 97  
DG  "H5''" H  N N 98  
DG  "H4'"  H  N N 99  
DG  "H3'"  H  N N 100 
DG  "HO3'" H  N N 101 
DG  "H2'"  H  N N 102 
DG  "H2''" H  N N 103 
DG  "H1'"  H  N N 104 
DG  H8     H  N N 105 
DG  H1     H  N N 106 
DG  H21    H  N N 107 
DG  H22    H  N N 108 
DPY P      P  N N 109 
DPY O1P    O  N N 110 
DPY O2P    O  N N 111 
DPY "O5'"  O  N N 112 
DPY C1     C  Y N 113 
DPY C2     C  Y N 114 
DPY C7     C  N N 115 
DPY O71    O  N N 116 
DPY O72    O  N N 117 
DPY N3     N  Y N 118 
DPY C4     C  Y N 119 
DPY C8     C  N N 120 
DPY O81    O  N N 121 
DPY O82    O  N N 122 
DPY C5     C  Y N 123 
DPY C6     C  Y N 124 
DPY "C2'"  C  N N 125 
DPY "C5'"  C  N N 126 
DPY "C4'"  C  N R 127 
DPY "O4'"  O  N N 128 
DPY "C1'"  C  N R 129 
DPY "C3'"  C  N S 130 
DPY "O3'"  O  N N 131 
DPY O3P    O  N N 132 
DPY HOP2   H  N N 133 
DPY H72    H  N N 134 
DPY H82    H  N N 135 
DPY H5     H  N N 136 
DPY H6     H  N N 137 
DPY "H2'1" H  N N 138 
DPY "H2'2" H  N N 139 
DPY "H5'1" H  N N 140 
DPY "H5'2" H  N N 141 
DPY "H4'"  H  N N 142 
DPY "H1'"  H  N N 143 
DPY "H3'"  H  N N 144 
DPY H3T    H  N N 145 
DPY HOP3   H  N N 146 
DRP P      P  N N 147 
DRP O1P    O  N N 148 
DRP O2P    O  N N 149 
DRP "O5'"  O  N N 150 
DRP C1     C  Y N 151 
DRP C2     C  Y N 152 
DRP N3     N  Y N 153 
DRP C4     C  Y N 154 
DRP C5     C  Y N 155 
DRP C6     C  Y N 156 
DRP "C2'"  C  N N 157 
DRP "C5'"  C  N N 158 
DRP "C4'"  C  N R 159 
DRP "O4'"  O  N N 160 
DRP "C1'"  C  N R 161 
DRP "C3'"  C  N S 162 
DRP "O3'"  O  N N 163 
DRP O3P    O  N N 164 
DRP HOP2   H  N N 165 
DRP H2     H  N N 166 
DRP H4     H  N N 167 
DRP H5     H  N N 168 
DRP H6     H  N N 169 
DRP "H2'1" H  N N 170 
DRP "H2'2" H  N N 171 
DRP "H5'1" H  N N 172 
DRP "H5'2" H  N N 173 
DRP "H4'"  H  N N 174 
DRP "H1'"  H  N N 175 
DRP "H3'"  H  N N 176 
DRP H3T    H  N N 177 
DRP HOP3   H  N N 178 
DT  OP3    O  N N 179 
DT  P      P  N N 180 
DT  OP1    O  N N 181 
DT  OP2    O  N N 182 
DT  "O5'"  O  N N 183 
DT  "C5'"  C  N N 184 
DT  "C4'"  C  N R 185 
DT  "O4'"  O  N N 186 
DT  "C3'"  C  N S 187 
DT  "O3'"  O  N N 188 
DT  "C2'"  C  N N 189 
DT  "C1'"  C  N R 190 
DT  N1     N  N N 191 
DT  C2     C  N N 192 
DT  O2     O  N N 193 
DT  N3     N  N N 194 
DT  C4     C  N N 195 
DT  O4     O  N N 196 
DT  C5     C  N N 197 
DT  C7     C  N N 198 
DT  C6     C  N N 199 
DT  HOP3   H  N N 200 
DT  HOP2   H  N N 201 
DT  "H5'"  H  N N 202 
DT  "H5''" H  N N 203 
DT  "H4'"  H  N N 204 
DT  "H3'"  H  N N 205 
DT  "HO3'" H  N N 206 
DT  "H2'"  H  N N 207 
DT  "H2''" H  N N 208 
DT  "H1'"  H  N N 209 
DT  H3     H  N N 210 
DT  H71    H  N N 211 
DT  H72    H  N N 212 
DT  H73    H  N N 213 
DT  H6     H  N N 214 
HOH O      O  N N 215 
HOH H1     H  N N 216 
HOH H2     H  N N 217 
# 
loop_
_chem_comp_bond.comp_id 
_chem_comp_bond.atom_id_1 
_chem_comp_bond.atom_id_2 
_chem_comp_bond.value_order 
_chem_comp_bond.pdbx_aromatic_flag 
_chem_comp_bond.pdbx_stereo_config 
_chem_comp_bond.pdbx_ordinal 
DA  OP3   P      sing N N 1   
DA  OP3   HOP3   sing N N 2   
DA  P     OP1    doub N N 3   
DA  P     OP2    sing N N 4   
DA  P     "O5'"  sing N N 5   
DA  OP2   HOP2   sing N N 6   
DA  "O5'" "C5'"  sing N N 7   
DA  "C5'" "C4'"  sing N N 8   
DA  "C5'" "H5'"  sing N N 9   
DA  "C5'" "H5''" sing N N 10  
DA  "C4'" "O4'"  sing N N 11  
DA  "C4'" "C3'"  sing N N 12  
DA  "C4'" "H4'"  sing N N 13  
DA  "O4'" "C1'"  sing N N 14  
DA  "C3'" "O3'"  sing N N 15  
DA  "C3'" "C2'"  sing N N 16  
DA  "C3'" "H3'"  sing N N 17  
DA  "O3'" "HO3'" sing N N 18  
DA  "C2'" "C1'"  sing N N 19  
DA  "C2'" "H2'"  sing N N 20  
DA  "C2'" "H2''" sing N N 21  
DA  "C1'" N9     sing N N 22  
DA  "C1'" "H1'"  sing N N 23  
DA  N9    C8     sing Y N 24  
DA  N9    C4     sing Y N 25  
DA  C8    N7     doub Y N 26  
DA  C8    H8     sing N N 27  
DA  N7    C5     sing Y N 28  
DA  C5    C6     sing Y N 29  
DA  C5    C4     doub Y N 30  
DA  C6    N6     sing N N 31  
DA  C6    N1     doub Y N 32  
DA  N6    H61    sing N N 33  
DA  N6    H62    sing N N 34  
DA  N1    C2     sing Y N 35  
DA  C2    N3     doub Y N 36  
DA  C2    H2     sing N N 37  
DA  N3    C4     sing Y N 38  
DC  OP3   P      sing N N 39  
DC  OP3   HOP3   sing N N 40  
DC  P     OP1    doub N N 41  
DC  P     OP2    sing N N 42  
DC  P     "O5'"  sing N N 43  
DC  OP2   HOP2   sing N N 44  
DC  "O5'" "C5'"  sing N N 45  
DC  "C5'" "C4'"  sing N N 46  
DC  "C5'" "H5'"  sing N N 47  
DC  "C5'" "H5''" sing N N 48  
DC  "C4'" "O4'"  sing N N 49  
DC  "C4'" "C3'"  sing N N 50  
DC  "C4'" "H4'"  sing N N 51  
DC  "O4'" "C1'"  sing N N 52  
DC  "C3'" "O3'"  sing N N 53  
DC  "C3'" "C2'"  sing N N 54  
DC  "C3'" "H3'"  sing N N 55  
DC  "O3'" "HO3'" sing N N 56  
DC  "C2'" "C1'"  sing N N 57  
DC  "C2'" "H2'"  sing N N 58  
DC  "C2'" "H2''" sing N N 59  
DC  "C1'" N1     sing N N 60  
DC  "C1'" "H1'"  sing N N 61  
DC  N1    C2     sing N N 62  
DC  N1    C6     sing N N 63  
DC  C2    O2     doub N N 64  
DC  C2    N3     sing N N 65  
DC  N3    C4     doub N N 66  
DC  C4    N4     sing N N 67  
DC  C4    C5     sing N N 68  
DC  N4    H41    sing N N 69  
DC  N4    H42    sing N N 70  
DC  C5    C6     doub N N 71  
DC  C5    H5     sing N N 72  
DC  C6    H6     sing N N 73  
DG  OP3   P      sing N N 74  
DG  OP3   HOP3   sing N N 75  
DG  P     OP1    doub N N 76  
DG  P     OP2    sing N N 77  
DG  P     "O5'"  sing N N 78  
DG  OP2   HOP2   sing N N 79  
DG  "O5'" "C5'"  sing N N 80  
DG  "C5'" "C4'"  sing N N 81  
DG  "C5'" "H5'"  sing N N 82  
DG  "C5'" "H5''" sing N N 83  
DG  "C4'" "O4'"  sing N N 84  
DG  "C4'" "C3'"  sing N N 85  
DG  "C4'" "H4'"  sing N N 86  
DG  "O4'" "C1'"  sing N N 87  
DG  "C3'" "O3'"  sing N N 88  
DG  "C3'" "C2'"  sing N N 89  
DG  "C3'" "H3'"  sing N N 90  
DG  "O3'" "HO3'" sing N N 91  
DG  "C2'" "C1'"  sing N N 92  
DG  "C2'" "H2'"  sing N N 93  
DG  "C2'" "H2''" sing N N 94  
DG  "C1'" N9     sing N N 95  
DG  "C1'" "H1'"  sing N N 96  
DG  N9    C8     sing Y N 97  
DG  N9    C4     sing Y N 98  
DG  C8    N7     doub Y N 99  
DG  C8    H8     sing N N 100 
DG  N7    C5     sing Y N 101 
DG  C5    C6     sing N N 102 
DG  C5    C4     doub Y N 103 
DG  C6    O6     doub N N 104 
DG  C6    N1     sing N N 105 
DG  N1    C2     sing N N 106 
DG  N1    H1     sing N N 107 
DG  C2    N2     sing N N 108 
DG  C2    N3     doub N N 109 
DG  N2    H21    sing N N 110 
DG  N2    H22    sing N N 111 
DG  N3    C4     sing N N 112 
DPY P     O1P    doub N N 113 
DPY P     O2P    sing N N 114 
DPY P     "O5'"  sing N N 115 
DPY P     O3P    sing N N 116 
DPY O2P   HOP2   sing N N 117 
DPY "O5'" "C5'"  sing N N 118 
DPY C1    C2     doub Y N 119 
DPY C1    C6     sing Y N 120 
DPY C1    "C1'"  sing N N 121 
DPY C2    C7     sing N N 122 
DPY C2    N3     sing Y N 123 
DPY C7    O71    doub N N 124 
DPY C7    O72    sing N N 125 
DPY O72   H72    sing N N 126 
DPY N3    C4     doub Y N 127 
DPY C4    C8     sing N N 128 
DPY C4    C5     sing Y N 129 
DPY C8    O81    doub N N 130 
DPY C8    O82    sing N N 131 
DPY O82   H82    sing N N 132 
DPY C5    C6     doub Y N 133 
DPY C5    H5     sing N N 134 
DPY C6    H6     sing N N 135 
DPY "C2'" "C1'"  sing N N 136 
DPY "C2'" "C3'"  sing N N 137 
DPY "C2'" "H2'1" sing N N 138 
DPY "C2'" "H2'2" sing N N 139 
DPY "C5'" "C4'"  sing N N 140 
DPY "C5'" "H5'1" sing N N 141 
DPY "C5'" "H5'2" sing N N 142 
DPY "C4'" "O4'"  sing N N 143 
DPY "C4'" "C3'"  sing N N 144 
DPY "C4'" "H4'"  sing N N 145 
DPY "O4'" "C1'"  sing N N 146 
DPY "C1'" "H1'"  sing N N 147 
DPY "C3'" "O3'"  sing N N 148 
DPY "C3'" "H3'"  sing N N 149 
DPY "O3'" H3T    sing N N 150 
DPY O3P   HOP3   sing N N 151 
DRP P     O1P    doub N N 152 
DRP P     O2P    sing N N 153 
DRP P     "O5'"  sing N N 154 
DRP P     O3P    sing N N 155 
DRP O2P   HOP2   sing N N 156 
DRP "O5'" "C5'"  sing N N 157 
DRP C1    C2     doub Y N 158 
DRP C1    C6     sing Y N 159 
DRP C1    "C1'"  sing N N 160 
DRP C2    N3     sing Y N 161 
DRP C2    H2     sing N N 162 
DRP N3    C4     doub Y N 163 
DRP C4    C5     sing Y N 164 
DRP C4    H4     sing N N 165 
DRP C5    C6     doub Y N 166 
DRP C5    H5     sing N N 167 
DRP C6    H6     sing N N 168 
DRP "C2'" "C1'"  sing N N 169 
DRP "C2'" "C3'"  sing N N 170 
DRP "C2'" "H2'1" sing N N 171 
DRP "C2'" "H2'2" sing N N 172 
DRP "C5'" "C4'"  sing N N 173 
DRP "C5'" "H5'1" sing N N 174 
DRP "C5'" "H5'2" sing N N 175 
DRP "C4'" "O4'"  sing N N 176 
DRP "C4'" "C3'"  sing N N 177 
DRP "C4'" "H4'"  sing N N 178 
DRP "O4'" "C1'"  sing N N 179 
DRP "C1'" "H1'"  sing N N 180 
DRP "C3'" "O3'"  sing N N 181 
DRP "C3'" "H3'"  sing N N 182 
DRP "O3'" H3T    sing N N 183 
DRP O3P   HOP3   sing N N 184 
DT  OP3   P      sing N N 185 
DT  OP3   HOP3   sing N N 186 
DT  P     OP1    doub N N 187 
DT  P     OP2    sing N N 188 
DT  P     "O5'"  sing N N 189 
DT  OP2   HOP2   sing N N 190 
DT  "O5'" "C5'"  sing N N 191 
DT  "C5'" "C4'"  sing N N 192 
DT  "C5'" "H5'"  sing N N 193 
DT  "C5'" "H5''" sing N N 194 
DT  "C4'" "O4'"  sing N N 195 
DT  "C4'" "C3'"  sing N N 196 
DT  "C4'" "H4'"  sing N N 197 
DT  "O4'" "C1'"  sing N N 198 
DT  "C3'" "O3'"  sing N N 199 
DT  "C3'" "C2'"  sing N N 200 
DT  "C3'" "H3'"  sing N N 201 
DT  "O3'" "HO3'" sing N N 202 
DT  "C2'" "C1'"  sing N N 203 
DT  "C2'" "H2'"  sing N N 204 
DT  "C2'" "H2''" sing N N 205 
DT  "C1'" N1     sing N N 206 
DT  "C1'" "H1'"  sing N N 207 
DT  N1    C2     sing N N 208 
DT  N1    C6     sing N N 209 
DT  C2    O2     doub N N 210 
DT  C2    N3     sing N N 211 
DT  N3    C4     sing N N 212 
DT  N3    H3     sing N N 213 
DT  C4    O4     doub N N 214 
DT  C4    C5     sing N N 215 
DT  C5    C7     sing N N 216 
DT  C5    C6     doub N N 217 
DT  C7    H71    sing N N 218 
DT  C7    H72    sing N N 219 
DT  C7    H73    sing N N 220 
DT  C6    H6     sing N N 221 
HOH O     H1     sing N N 222 
HOH O     H2     sing N N 223 
# 
loop_
_ndb_struct_conf_na.entry_id 
_ndb_struct_conf_na.feature 
1JES 'z-form double helix'  
1JES 'mismatched base pair' 
# 
loop_
_ndb_struct_na_base_pair.model_number 
_ndb_struct_na_base_pair.i_label_asym_id 
_ndb_struct_na_base_pair.i_label_comp_id 
_ndb_struct_na_base_pair.i_label_seq_id 
_ndb_struct_na_base_pair.i_symmetry 
_ndb_struct_na_base_pair.j_label_asym_id 
_ndb_struct_na_base_pair.j_label_comp_id 
_ndb_struct_na_base_pair.j_label_seq_id 
_ndb_struct_na_base_pair.j_symmetry 
_ndb_struct_na_base_pair.shear 
_ndb_struct_na_base_pair.stretch 
_ndb_struct_na_base_pair.stagger 
_ndb_struct_na_base_pair.buckle 
_ndb_struct_na_base_pair.propeller 
_ndb_struct_na_base_pair.opening 
_ndb_struct_na_base_pair.pair_number 
_ndb_struct_na_base_pair.pair_name 
_ndb_struct_na_base_pair.i_auth_asym_id 
_ndb_struct_na_base_pair.i_auth_seq_id 
_ndb_struct_na_base_pair.i_PDB_ins_code 
_ndb_struct_na_base_pair.j_auth_asym_id 
_ndb_struct_na_base_pair.j_auth_seq_id 
_ndb_struct_na_base_pair.j_PDB_ins_code 
_ndb_struct_na_base_pair.hbond_type_28 
_ndb_struct_na_base_pair.hbond_type_12 
1 A DC 1  1_555 B DG 12 1_555 -0.351 -0.156 0.243  2.911   6.071  1.048  1  A_DC1:DG24_B  A 1  ? B 24 ? 19 1 
1 A DG 2  1_555 B DC 11 1_555 0.296  -0.144 -0.022 -7.192  -5.958 0.667  2  A_DG2:DC23_B  A 2  ? B 23 ? 19 1 
1 A DC 3  1_555 B DG 10 1_555 -0.323 -0.177 0.051  1.264   1.384  3.546  3  A_DC3:DG22_B  A 3  ? B 22 ? 19 1 
1 A DG 4  1_555 B DC 9  1_555 0.336  -0.224 0.231  -4.125  12.713 3.851  4  A_DG4:DC21_B  A 4  ? B 21 ? 19 1 
1 A DA 6  1_555 B DT 7  1_555 0.141  -0.192 0.036  -10.270 -7.246 0.426  5  A_DA6:DT19_B  A 6  ? B 19 ? 20 1 
1 A DT 7  1_555 B DA 6  1_555 -0.083 -0.151 -0.140 7.717   -7.646 -3.061 6  A_DT7:DA18_B  A 7  ? B 18 ? 20 1 
1 A DC 9  1_555 B DG 4  1_555 -0.281 -0.163 0.083  4.545   12.318 3.001  7  A_DC9:DG16_B  A 9  ? B 16 ? 19 1 
1 A DG 10 1_555 B DC 3  1_555 0.267  -0.089 0.096  0.324   -0.703 2.143  8  A_DG10:DC15_B A 10 ? B 15 ? 19 1 
1 A DC 11 1_555 B DG 2  1_555 -0.216 -0.110 0.003  8.286   -4.933 0.938  9  A_DC11:DG14_B A 11 ? B 14 ? 19 1 
1 A DG 12 1_555 B DC 1  1_555 0.069  -0.248 0.148  -2.665  -2.656 3.722  10 A_DG12:DC13_B A 12 ? B 13 ? 19 1 
# 
loop_
_ndb_struct_na_base_pair_step.model_number 
_ndb_struct_na_base_pair_step.i_label_asym_id_1 
_ndb_struct_na_base_pair_step.i_label_comp_id_1 
_ndb_struct_na_base_pair_step.i_label_seq_id_1 
_ndb_struct_na_base_pair_step.i_symmetry_1 
_ndb_struct_na_base_pair_step.j_label_asym_id_1 
_ndb_struct_na_base_pair_step.j_label_comp_id_1 
_ndb_struct_na_base_pair_step.j_label_seq_id_1 
_ndb_struct_na_base_pair_step.j_symmetry_1 
_ndb_struct_na_base_pair_step.i_label_asym_id_2 
_ndb_struct_na_base_pair_step.i_label_comp_id_2 
_ndb_struct_na_base_pair_step.i_label_seq_id_2 
_ndb_struct_na_base_pair_step.i_symmetry_2 
_ndb_struct_na_base_pair_step.j_label_asym_id_2 
_ndb_struct_na_base_pair_step.j_label_comp_id_2 
_ndb_struct_na_base_pair_step.j_label_seq_id_2 
_ndb_struct_na_base_pair_step.j_symmetry_2 
_ndb_struct_na_base_pair_step.shift 
_ndb_struct_na_base_pair_step.slide 
_ndb_struct_na_base_pair_step.rise 
_ndb_struct_na_base_pair_step.tilt 
_ndb_struct_na_base_pair_step.roll 
_ndb_struct_na_base_pair_step.twist 
_ndb_struct_na_base_pair_step.x_displacement 
_ndb_struct_na_base_pair_step.y_displacement 
_ndb_struct_na_base_pair_step.helical_rise 
_ndb_struct_na_base_pair_step.inclination 
_ndb_struct_na_base_pair_step.tip 
_ndb_struct_na_base_pair_step.helical_twist 
_ndb_struct_na_base_pair_step.step_number 
_ndb_struct_na_base_pair_step.step_name 
_ndb_struct_na_base_pair_step.i_auth_asym_id_1 
_ndb_struct_na_base_pair_step.i_auth_seq_id_1 
_ndb_struct_na_base_pair_step.i_PDB_ins_code_1 
_ndb_struct_na_base_pair_step.j_auth_asym_id_1 
_ndb_struct_na_base_pair_step.j_auth_seq_id_1 
_ndb_struct_na_base_pair_step.j_PDB_ins_code_1 
_ndb_struct_na_base_pair_step.i_auth_asym_id_2 
_ndb_struct_na_base_pair_step.i_auth_seq_id_2 
_ndb_struct_na_base_pair_step.i_PDB_ins_code_2 
_ndb_struct_na_base_pair_step.j_auth_asym_id_2 
_ndb_struct_na_base_pair_step.j_auth_seq_id_2 
_ndb_struct_na_base_pair_step.j_PDB_ins_code_2 
1 A DC 1  1_555 B DG 12 1_555 A DG 2  1_555 B DC 11 1_555 -0.294 5.573  3.822 -3.155 0.503  -6.602  -45.478 -14.238 2.932 -4.071  
-25.520 -7.333  1 AA_DC1DG2:DC23DG24_BB   A 1  ? B 24 ? A 2  ? B 23 ? 
1 A DG 2  1_555 B DC 11 1_555 A DC 3  1_555 B DG 10 1_555 0.429  -1.236 3.268 0.441  -2.552 -53.462 1.532   0.504   3.206 2.835   
0.490   -53.520 2 AA_DG2DC3:DG22DC23_BB   A 2  ? B 23 ? A 3  ? B 22 ? 
1 A DC 3  1_555 B DG 10 1_555 A DG 4  1_555 B DC 9  1_555 0.519  5.468  3.672 1.239  3.388  -8.854  -38.397 5.157   1.401 -20.844 
7.623   -9.559  3 AA_DC3DG4:DC21DG22_BB   A 3  ? B 22 ? A 4  ? B 21 ? 
1 A DA 6  1_555 B DT 7  1_555 A DT 7  1_555 B DA 6  1_555 0.025  -2.407 3.163 1.919  5.791  -41.973 2.730   0.233   3.446 -8.033  
2.662   -42.394 4 AA_DA6DT7:DA18DT19_BB   A 6  ? B 19 ? A 7  ? B 18 ? 
1 A DC 9  1_555 B DG 4  1_555 A DG 10 1_555 B DC 3  1_555 -0.475 5.506  3.624 -2.741 0.758  -9.151  -34.535 -8.535  2.891 -4.609  
-16.657 -9.582  5 AA_DC9DG10:DC15DG16_BB  A 9  ? B 16 ? A 10 ? B 15 ? 
1 A DG 10 1_555 B DC 3  1_555 A DC 11 1_555 B DG 2  1_555 -0.385 -1.234 3.319 -0.007 -1.467 -52.014 1.505   -0.440  3.285 1.673   
-0.008  -52.033 6 AA_DG10DC11:DG14DC15_BB A 10 ? B 15 ? A 11 ? B 14 ? 
1 A DC 11 1_555 B DG 2  1_555 A DG 12 1_555 B DC 1  1_555 -0.020 5.333  3.744 1.222  -4.541 -1.827  13.771  19.776  6.161 66.417  
17.871  -5.045  7 AA_DC11DG12:DC13DG14_BB A 11 ? B 14 ? A 12 ? B 13 ? 
# 
_pdbx_initial_refinement_model.accession_code   ? 
_pdbx_initial_refinement_model.id               1 
_pdbx_initial_refinement_model.entity_id_list   ? 
_pdbx_initial_refinement_model.type             other 
_pdbx_initial_refinement_model.source_name      ? 
_pdbx_initial_refinement_model.details          'initial map fit with mononucleotides' 
# 
_atom_sites.entry_id                    1JES 
_atom_sites.fract_transf_matrix[1][1]   -0.01564284 
_atom_sites.fract_transf_matrix[1][2]   -0.00745154 
_atom_sites.fract_transf_matrix[1][3]   0.03629123 
_atom_sites.fract_transf_matrix[2][1]   -0.02664036 
_atom_sites.fract_transf_matrix[2][2]   0.00548303 
_atom_sites.fract_transf_matrix[2][3]   -0.01035715 
_atom_sites.fract_transf_matrix[3][1]   -0.00580830 
_atom_sites.fract_transf_matrix[3][2]   -0.03219074 
_atom_sites.fract_transf_matrix[3][3]   -0.00210170 
_atom_sites.fract_transf_vector[1]      0.818708 
_atom_sites.fract_transf_vector[2]      0.894253 
_atom_sites.fract_transf_vector[3]      0.816586 
# 
loop_
_atom_type.symbol 
C  
CU 
N  
O  
P  
# 
loop_
_atom_site.group_PDB 
_atom_site.id 
_atom_site.type_symbol 
_atom_site.label_atom_id 
_atom_site.label_alt_id 
_atom_site.label_comp_id 
_atom_site.label_asym_id 
_atom_site.label_entity_id 
_atom_site.label_seq_id 
_atom_site.pdbx_PDB_ins_code 
_atom_site.Cartn_x 
_atom_site.Cartn_y 
_atom_site.Cartn_z 
_atom_site.occupancy 
_atom_site.B_iso_or_equiv 
_atom_site.pdbx_formal_charge 
_atom_site.auth_seq_id 
_atom_site.auth_comp_id 
_atom_site.auth_asym_id 
_atom_site.auth_atom_id 
_atom_site.pdbx_PDB_model_num 
ATOM   1   O  "O5'" . DC  A 1 1  ? -3.075  -12.925 -16.901 1.00 15.22 ? 1   DC  A "O5'" 1 
ATOM   2   C  "C5'" . DC  A 1 1  ? -2.972  -11.511 -16.726 1.00 12.95 ? 1   DC  A "C5'" 1 
ATOM   3   C  "C4'" . DC  A 1 1  ? -1.611  -11.114 -16.203 1.00 11.67 ? 1   DC  A "C4'" 1 
ATOM   4   O  "O4'" . DC  A 1 1  ? -1.453  -11.689 -14.890 1.00 11.52 ? 1   DC  A "O4'" 1 
ATOM   5   C  "C3'" . DC  A 1 1  ? -0.418  -11.603 -17.012 1.00 11.61 ? 1   DC  A "C3'" 1 
ATOM   6   O  "O3'" . DC  A 1 1  ? 0.602   -10.626 -16.891 1.00 15.07 ? 1   DC  A "O3'" 1 
ATOM   7   C  "C2'" . DC  A 1 1  ? 0.055   -12.821 -16.236 1.00 13.57 ? 1   DC  A "C2'" 1 
ATOM   8   C  "C1'" . DC  A 1 1  ? -0.250  -12.414 -14.807 1.00 10.52 ? 1   DC  A "C1'" 1 
ATOM   9   N  N1    . DC  A 1 1  ? -0.485  -13.530 -13.887 1.00 8.40  ? 1   DC  A N1    1 
ATOM   10  C  C2    . DC  A 1 1  ? 0.625   -14.140 -13.307 1.00 10.97 ? 1   DC  A C2    1 
ATOM   11  O  O2    . DC  A 1 1  ? 1.771   -13.714 -13.611 1.00 10.85 ? 1   DC  A O2    1 
ATOM   12  N  N3    . DC  A 1 1  ? 0.443   -15.164 -12.454 1.00 10.14 ? 1   DC  A N3    1 
ATOM   13  C  C4    . DC  A 1 1  ? -0.784  -15.588 -12.170 1.00 9.53  ? 1   DC  A C4    1 
ATOM   14  N  N4    . DC  A 1 1  ? -0.907  -16.629 -11.322 1.00 12.28 ? 1   DC  A N4    1 
ATOM   15  C  C5    . DC  A 1 1  ? -1.939  -14.976 -12.741 1.00 8.57  ? 1   DC  A C5    1 
ATOM   16  C  C6    . DC  A 1 1  ? -1.741  -13.961 -13.594 1.00 9.88  ? 1   DC  A C6    1 
ATOM   17  P  P     . DG  A 1 2  ? 0.785   -9.525  -18.040 1.00 17.06 ? 2   DG  A P     1 
ATOM   18  O  OP1   . DG  A 1 2  ? 0.545   -10.117 -19.371 1.00 17.93 ? 2   DG  A OP1   1 
ATOM   19  O  OP2   . DG  A 1 2  ? 2.117   -8.944  -17.725 1.00 20.86 ? 2   DG  A OP2   1 
ATOM   20  O  "O5'" . DG  A 1 2  ? -0.342  -8.458  -17.739 1.00 15.68 ? 2   DG  A "O5'" 1 
ATOM   21  C  "C5'" . DG  A 1 2  ? -0.279  -7.637  -16.583 1.00 15.37 ? 2   DG  A "C5'" 1 
ATOM   22  C  "C4'" . DG  A 1 2  ? -1.540  -6.824  -16.478 1.00 12.58 ? 2   DG  A "C4'" 1 
ATOM   23  O  "O4'" . DG  A 1 2  ? -2.671  -7.711  -16.466 1.00 13.25 ? 2   DG  A "O4'" 1 
ATOM   24  C  "C3'" . DG  A 1 2  ? -1.629  -5.991  -15.215 1.00 13.98 ? 2   DG  A "C3'" 1 
ATOM   25  O  "O3'" . DG  A 1 2  ? -1.183  -4.677  -15.575 1.00 15.76 ? 2   DG  A "O3'" 1 
ATOM   26  C  "C2'" . DG  A 1 2  ? -3.110  -5.993  -14.889 1.00 12.33 ? 2   DG  A "C2'" 1 
ATOM   27  C  "C1'" . DG  A 1 2  ? -3.650  -7.234  -15.574 1.00 12.11 ? 2   DG  A "C1'" 1 
ATOM   28  N  N9    . DG  A 1 2  ? -3.999  -8.319  -14.670 1.00 9.74  ? 2   DG  A N9    1 
ATOM   29  C  C8    . DG  A 1 2  ? -5.256  -8.867  -14.526 1.00 15.25 ? 2   DG  A C8    1 
ATOM   30  N  N7    . DG  A 1 2  ? -5.293  -9.830  -13.644 1.00 11.87 ? 2   DG  A N7    1 
ATOM   31  C  C5    . DG  A 1 2  ? -3.985  -9.937  -13.175 1.00 8.79  ? 2   DG  A C5    1 
ATOM   32  C  C6    . DG  A 1 2  ? -3.437  -10.809 -12.200 1.00 10.83 ? 2   DG  A C6    1 
ATOM   33  O  O6    . DG  A 1 2  ? -4.012  -11.695 -11.547 1.00 11.87 ? 2   DG  A O6    1 
ATOM   34  N  N1    . DG  A 1 2  ? -2.078  -10.584 -12.014 1.00 8.62  ? 2   DG  A N1    1 
ATOM   35  C  C2    . DG  A 1 2  ? -1.342  -9.647  -12.691 1.00 6.35  ? 2   DG  A C2    1 
ATOM   36  N  N2    . DG  A 1 2  ? -0.020  -9.612  -12.410 1.00 8.45  ? 2   DG  A N2    1 
ATOM   37  N  N3    . DG  A 1 2  ? -1.847  -8.812  -13.594 1.00 10.22 ? 2   DG  A N3    1 
ATOM   38  C  C4    . DG  A 1 2  ? -3.172  -9.012  -13.782 1.00 10.12 ? 2   DG  A C4    1 
ATOM   39  P  P     . DC  A 1 3  ? -0.823  -3.607  -14.435 1.00 18.62 ? 3   DC  A P     1 
ATOM   40  O  OP1   . DC  A 1 3  ? -1.960  -3.545  -13.455 1.00 23.16 ? 3   DC  A OP1   1 
ATOM   41  O  OP2   . DC  A 1 3  ? -0.359  -2.364  -15.123 1.00 21.97 ? 3   DC  A OP2   1 
ATOM   42  O  "O5'" . DC  A 1 3  ? 0.451   -4.252  -13.703 1.00 13.95 ? 3   DC  A "O5'" 1 
ATOM   43  C  "C5'" . DC  A 1 3  ? 1.318   -3.425  -12.923 1.00 12.83 ? 3   DC  A "C5'" 1 
ATOM   44  C  "C4'" . DC  A 1 3  ? 2.088   -4.269  -11.933 1.00 11.16 ? 3   DC  A "C4'" 1 
ATOM   45  O  "O4'" . DC  A 1 3  ? 1.128   -4.716  -10.955 1.00 10.73 ? 3   DC  A "O4'" 1 
ATOM   46  C  "C3'" . DC  A 1 3  ? 2.744   -5.521  -12.526 1.00 9.13  ? 3   DC  A "C3'" 1 
ATOM   47  O  "O3'" . DC  A 1 3  ? 3.989   -5.808  -11.887 1.00 11.84 ? 3   DC  A "O3'" 1 
ATOM   48  C  "C2'" . DC  A 1 3  ? 1.768   -6.624  -12.125 1.00 11.13 ? 3   DC  A "C2'" 1 
ATOM   49  C  "C1'" . DC  A 1 3  ? 1.222   -6.120  -10.797 1.00 9.81  ? 3   DC  A "C1'" 1 
ATOM   50  N  N1    . DC  A 1 3  ? -0.119  -6.631  -10.502 1.00 8.86  ? 3   DC  A N1    1 
ATOM   51  C  C2    . DC  A 1 3  ? -0.263  -7.693  -9.601  1.00 9.78  ? 3   DC  A C2    1 
ATOM   52  O  O2    . DC  A 1 3  ? 0.731   -8.121  -9.013  1.00 9.27  ? 3   DC  A O2    1 
ATOM   53  N  N3    . DC  A 1 3  ? -1.485  -8.230  -9.414  1.00 7.55  ? 3   DC  A N3    1 
ATOM   54  C  C4    . DC  A 1 3  ? -2.546  -7.745  -10.077 1.00 8.82  ? 3   DC  A C4    1 
ATOM   55  N  N4    . DC  A 1 3  ? -3.729  -8.354  -9.895  1.00 9.81  ? 3   DC  A N4    1 
ATOM   56  C  C5    . DC  A 1 3  ? -2.437  -6.636  -10.958 1.00 9.34  ? 3   DC  A C5    1 
ATOM   57  C  C6    . DC  A 1 3  ? -1.215  -6.110  -11.133 1.00 10.18 ? 3   DC  A C6    1 
ATOM   58  P  P     . DG  A 1 4  ? 5.382   -5.390  -12.584 1.00 14.69 ? 4   DG  A P     1 
ATOM   59  O  OP1   . DG  A 1 4  ? 5.332   -5.492  -14.077 1.00 14.69 ? 4   DG  A OP1   1 
ATOM   60  O  OP2   . DG  A 1 4  ? 6.405   -6.143  -11.839 1.00 17.13 ? 4   DG  A OP2   1 
ATOM   61  O  "O5'" . DG  A 1 4  ? 5.553   -3.861  -12.199 1.00 12.45 ? 4   DG  A "O5'" 1 
ATOM   62  C  "C5'" . DG  A 1 4  ? 5.622   -3.469  -10.854 1.00 11.31 ? 4   DG  A "C5'" 1 
ATOM   63  C  "C4'" . DG  A 1 4  ? 5.664   -1.967  -10.784 1.00 9.67  ? 4   DG  A "C4'" 1 
ATOM   64  O  "O4'" . DG  A 1 4  ? 4.461   -1.456  -11.381 1.00 11.46 ? 4   DG  A "O4'" 1 
ATOM   65  C  "C3'" . DG  A 1 4  ? 5.680   -1.452  -9.351  1.00 13.15 ? 4   DG  A "C3'" 1 
ATOM   66  O  "O3'" . DG  A 1 4  ? 7.034   -1.136  -9.010  1.00 12.40 ? 4   DG  A "O3'" 1 
ATOM   67  C  "C2'" . DG  A 1 4  ? 4.833   -0.200  -9.400  1.00 11.09 ? 4   DG  A "C2'" 1 
ATOM   68  C  "C1'" . DG  A 1 4  ? 3.941   -0.392  -10.608 1.00 12.23 ? 4   DG  A "C1'" 1 
ATOM   69  N  N9    . DG  A 1 4  ? 2.540   -0.690  -10.340 1.00 8.80  ? 4   DG  A N9    1 
ATOM   70  C  C8    . DG  A 1 4  ? 1.470   -0.021  -10.879 1.00 10.04 ? 4   DG  A C8    1 
ATOM   71  N  N7    . DG  A 1 4  ? 0.316   -0.504  -10.514 1.00 9.28  ? 4   DG  A N7    1 
ATOM   72  C  C5    . DG  A 1 4  ? 0.635   -1.567  -9.674  1.00 8.55  ? 4   DG  A C5    1 
ATOM   73  C  C6    . DG  A 1 4  ? -0.209  -2.461  -8.999  1.00 9.06  ? 4   DG  A C6    1 
ATOM   74  O  O6    . DG  A 1 4  ? -1.438  -2.525  -9.031  1.00 12.63 ? 4   DG  A O6    1 
ATOM   75  N  N1    . DG  A 1 4  ? 0.524   -3.377  -8.259  1.00 9.35  ? 4   DG  A N1    1 
ATOM   76  C  C2    . DG  A 1 4  ? 1.901   -3.459  -8.218  1.00 8.04  ? 4   DG  A C2    1 
ATOM   77  N  N2    . DG  A 1 4  ? 2.410   -4.466  -7.500  1.00 9.13  ? 4   DG  A N2    1 
ATOM   78  N  N3    . DG  A 1 4  ? 2.709   -2.618  -8.856  1.00 9.84  ? 4   DG  A N3    1 
ATOM   79  C  C4    . DG  A 1 4  ? 2.007   -1.702  -9.551  1.00 10.26 ? 4   DG  A C4    1 
HETATM 80  P  P     . DPY A 1 5  ? 7.590   -1.485  -7.559  1.00 13.36 ? 5   DPY A P     1 
HETATM 81  O  O1P   . DPY A 1 5  ? 8.927   -0.829  -7.427  1.00 15.30 ? 5   DPY A O1P   1 
HETATM 82  O  O2P   . DPY A 1 5  ? 7.475   -2.935  -7.277  1.00 11.88 ? 5   DPY A O2P   1 
HETATM 83  O  "O5'" . DPY A 1 5  ? 6.584   -0.693  -6.621  1.00 13.82 ? 5   DPY A "O5'" 1 
HETATM 84  C  C1    . DPY A 1 5  ? 2.308   -0.448  -5.615  1.00 7.59  ? 5   DPY A C1    1 
HETATM 85  C  C2    . DPY A 1 5  ? 1.001   -0.939  -5.540  1.00 8.94  ? 5   DPY A C2    1 
HETATM 86  C  C7    . DPY A 1 5  ? 0.609   -1.983  -4.666  1.00 16.00 ? 5   DPY A C7    1 
HETATM 87  O  O71   . DPY A 1 5  ? 1.370   -2.546  -3.899  1.00 20.03 ? 5   DPY A O71   1 
HETATM 88  O  O72   . DPY A 1 5  ? -0.602  -2.292  -4.729  1.00 18.98 ? 5   DPY A O72   1 
HETATM 89  N  N3    . DPY A 1 5  ? 0.053   -0.388  -6.302  1.00 7.55  ? 5   DPY A N3    1 
HETATM 90  C  C4    . DPY A 1 5  ? 0.212   0.627   -7.132  1.00 9.43  ? 5   DPY A C4    1 
HETATM 91  C  C8    . DPY A 1 5  ? -0.832  1.237   -7.912  1.00 11.65 ? 5   DPY A C8    1 
HETATM 92  O  O81   . DPY A 1 5  ? -0.617  2.212   -8.666  1.00 14.80 ? 5   DPY A O81   1 
HETATM 93  O  O82   . DPY A 1 5  ? -1.948  0.723   -7.766  1.00 13.20 ? 5   DPY A O82   1 
HETATM 94  C  C5    . DPY A 1 5  ? 1.503   1.179   -7.258  1.00 9.83  ? 5   DPY A C5    1 
HETATM 95  C  C6    . DPY A 1 5  ? 2.549   0.634   -6.495  1.00 10.62 ? 5   DPY A C6    1 
HETATM 96  C  "C2'" . DPY A 1 5  ? 4.023   -2.337  -5.296  1.00 10.04 ? 5   DPY A "C2'" 1 
HETATM 97  C  "C5'" . DPY A 1 5  ? 6.870   -0.448  -5.243  1.00 12.66 ? 5   DPY A "C5'" 1 
HETATM 98  C  "C4'" . DPY A 1 5  ? 5.710   -0.898  -4.389  1.00 11.82 ? 5   DPY A "C4'" 1 
HETATM 99  O  "O4'" . DPY A 1 5  ? 4.558   -0.148  -4.833  1.00 13.24 ? 5   DPY A "O4'" 1 
HETATM 100 C  "C1'" . DPY A 1 5  ? 3.454   -1.027  -4.805  1.00 9.91  ? 5   DPY A "C1'" 1 
HETATM 101 C  "C3'" . DPY A 1 5  ? 5.337   -2.386  -4.524  1.00 10.37 ? 5   DPY A "C3'" 1 
HETATM 102 O  "O3'" . DPY A 1 5  ? 5.004   -2.909  -3.220  1.00 12.98 ? 5   DPY A "O3'" 1 
ATOM   103 P  P     . DA  A 1 6  ? 6.082   -3.750  -2.370  1.00 12.05 ? 6   DA  A P     1 
ATOM   104 O  OP1   . DA  A 1 6  ? 6.816   -4.672  -3.251  1.00 11.58 ? 6   DA  A OP1   1 
ATOM   105 O  OP2   . DA  A 1 6  ? 5.319   -4.301  -1.197  1.00 14.83 ? 6   DA  A OP2   1 
ATOM   106 O  "O5'" . DA  A 1 6  ? 7.099   -2.652  -1.852  1.00 11.56 ? 6   DA  A "O5'" 1 
ATOM   107 C  "C5'" . DA  A 1 6  ? 6.711   -1.652  -0.912  1.00 11.10 ? 6   DA  A "C5'" 1 
ATOM   108 C  "C4'" . DA  A 1 6  ? 7.832   -0.651  -0.777  1.00 9.16  ? 6   DA  A "C4'" 1 
ATOM   109 O  "O4'" . DA  A 1 6  ? 8.100   -0.083  -2.070  1.00 11.50 ? 6   DA  A "O4'" 1 
ATOM   110 C  "C3'" . DA  A 1 6  ? 7.516   0.531   0.115   1.00 12.25 ? 6   DA  A "C3'" 1 
ATOM   111 O  "O3'" . DA  A 1 6  ? 7.976   0.212   1.415   1.00 13.10 ? 6   DA  A "O3'" 1 
ATOM   112 C  "C2'" . DA  A 1 6  ? 8.351   1.645   -0.470  1.00 14.81 ? 6   DA  A "C2'" 1 
ATOM   113 C  "C1'" . DA  A 1 6  ? 8.441   1.288   -1.939  1.00 12.58 ? 6   DA  A "C1'" 1 
ATOM   114 N  N9    . DA  A 1 6  ? 7.531   2.064   -2.786  1.00 13.05 ? 6   DA  A N9    1 
ATOM   115 C  C8    . DA  A 1 6  ? 7.908   2.935   -3.783  1.00 15.21 ? 6   DA  A C8    1 
ATOM   116 N  N7    . DA  A 1 6  ? 6.904   3.490   -4.412  1.00 14.62 ? 6   DA  A N7    1 
ATOM   117 C  C5    . DA  A 1 6  ? 5.785   2.960   -3.786  1.00 12.17 ? 6   DA  A C5    1 
ATOM   118 C  C6    . DA  A 1 6  ? 4.414   3.138   -4.009  1.00 10.52 ? 6   DA  A C6    1 
ATOM   119 N  N6    . DA  A 1 6  ? 3.914   3.959   -4.951  1.00 15.34 ? 6   DA  A N6    1 
ATOM   120 N  N1    . DA  A 1 6  ? 3.551   2.446   -3.235  1.00 10.83 ? 6   DA  A N1    1 
ATOM   121 C  C2    . DA  A 1 6  ? 4.044   1.626   -2.308  1.00 11.29 ? 6   DA  A C2    1 
ATOM   122 N  N3    . DA  A 1 6  ? 5.310   1.381   -1.990  1.00 8.50  ? 6   DA  A N3    1 
ATOM   123 C  C4    . DA  A 1 6  ? 6.153   2.084   -2.774  1.00 11.87 ? 6   DA  A C4    1 
ATOM   124 P  P     . DT  A 1 7  ? 7.473   1.083   2.649   1.00 17.16 ? 7   DT  A P     1 
ATOM   125 O  OP1   . DT  A 1 7  ? 7.471   2.502   2.244   1.00 21.60 ? 7   DT  A OP1   1 
ATOM   126 O  OP2   . DT  A 1 7  ? 8.211   0.649   3.858   1.00 21.77 ? 7   DT  A OP2   1 
ATOM   127 O  "O5'" . DT  A 1 7  ? 5.958   0.631   2.804   1.00 17.09 ? 7   DT  A "O5'" 1 
ATOM   128 C  "C5'" . DT  A 1 7  ? 5.195   0.997   3.952   1.00 16.49 ? 7   DT  A "C5'" 1 
ATOM   129 C  "C4'" . DT  A 1 7  ? 3.728   0.974   3.602   1.00 16.35 ? 7   DT  A "C4'" 1 
ATOM   130 O  "O4'" . DT  A 1 7  ? 3.396   2.195   2.911   1.00 15.98 ? 7   DT  A "O4'" 1 
ATOM   131 C  "C3'" . DT  A 1 7  ? 3.345   -0.171  2.661   1.00 16.38 ? 7   DT  A "C3'" 1 
ATOM   132 O  "O3'" . DT  A 1 7  ? 2.086   -0.718  3.067   1.00 21.81 ? 7   DT  A "O3'" 1 
ATOM   133 C  "C2'" . DT  A 1 7  ? 3.126   0.531   1.329   1.00 13.07 ? 7   DT  A "C2'" 1 
ATOM   134 C  "C1'" . DT  A 1 7  ? 2.609   1.888   1.787   1.00 11.41 ? 7   DT  A "C1'" 1 
ATOM   135 N  N1    . DT  A 1 7  ? 2.805   2.958   0.799   1.00 13.32 ? 7   DT  A N1    1 
ATOM   136 C  C2    . DT  A 1 7  ? 1.708   3.391   0.094   1.00 11.41 ? 7   DT  A C2    1 
ATOM   137 O  O2    . DT  A 1 7  ? 0.584   2.923   0.261   1.00 14.68 ? 7   DT  A O2    1 
ATOM   138 N  N3    . DT  A 1 7  ? 1.970   4.361   -0.825  1.00 10.16 ? 7   DT  A N3    1 
ATOM   139 C  C4    . DT  A 1 7  ? 3.192   4.921   -1.128  1.00 9.94  ? 7   DT  A C4    1 
ATOM   140 O  O4    . DT  A 1 7  ? 3.254   5.782   -2.001  1.00 11.41 ? 7   DT  A O4    1 
ATOM   141 C  C5    . DT  A 1 7  ? 4.313   4.415   -0.343  1.00 9.13  ? 7   DT  A C5    1 
ATOM   142 C  C7    . DT  A 1 7  ? 5.690   4.948   -0.596  1.00 11.63 ? 7   DT  A C7    1 
ATOM   143 C  C6    . DT  A 1 7  ? 4.061   3.488   0.576   1.00 9.96  ? 7   DT  A C6    1 
HETATM 144 P  P     . DRP A 1 8  ? 2.026   -2.138  3.842   1.00 25.69 ? 8   DRP A P     1 
HETATM 145 O  O1P   . DRP A 1 8  ? 3.233   -2.940  3.483   1.00 30.18 ? 8   DRP A O1P   1 
HETATM 146 O  O2P   . DRP A 1 8  ? 0.657   -2.683  3.621   1.00 27.66 ? 8   DRP A O2P   1 
HETATM 147 O  "O5'" . DRP A 1 8  ? 2.179   -1.737  5.362   1.00 21.44 ? 8   DRP A "O5'" 1 
HETATM 148 C  C1    . DRP A 1 8  ? 3.618   2.728   7.054   1.00 17.42 ? 8   DRP A C1    1 
HETATM 149 C  C2    . DRP A 1 8  ? 3.083   3.386   5.941   1.00 15.75 ? 8   DRP A C2    1 
HETATM 150 N  N3    . DRP A 1 8  ? 3.744   4.330   5.273   1.00 10.89 ? 8   DRP A N3    1 
HETATM 151 C  C4    . DRP A 1 8  ? 4.973   4.697   5.644   1.00 18.35 ? 8   DRP A C4    1 
HETATM 152 C  C5    . DRP A 1 8  ? 5.593   4.092   6.752   1.00 20.70 ? 8   DRP A C5    1 
HETATM 153 C  C6    . DRP A 1 8  ? 4.905   3.091   7.463   1.00 16.92 ? 8   DRP A C6    1 
HETATM 154 C  "C2'" . DRP A 1 8  ? 1.332   1.837   7.821   1.00 16.12 ? 8   DRP A "C2'" 1 
HETATM 155 C  "C5'" . DRP A 1 8  ? 1.284   -0.845  5.979   1.00 24.17 ? 8   DRP A "C5'" 1 
HETATM 156 C  "C4'" . DRP A 1 8  ? 1.834   -0.431  7.320   1.00 24.17 ? 8   DRP A "C4'" 1 
HETATM 157 O  "O4'" . DRP A 1 8  ? 3.005   0.398   7.111   1.00 22.63 ? 8   DRP A "O4'" 1 
HETATM 158 C  "C1'" . DRP A 1 8  ? 2.829   1.648   7.768   1.00 19.64 ? 8   DRP A "C1'" 1 
HETATM 159 C  "C3'" . DRP A 1 8  ? 0.868   0.426   8.131   1.00 22.36 ? 8   DRP A "C3'" 1 
HETATM 160 O  "O3'" . DRP A 1 8  ? 1.006   0.127   9.530   1.00 19.72 ? 8   DRP A "O3'" 1 
ATOM   161 P  P     . DC  A 1 9  ? -0.322  -0.105  10.429  1.00 21.01 ? 9   DC  A P     1 
ATOM   162 O  OP1   . DC  A 1 9  ? 0.145   -0.557  11.762  1.00 28.72 ? 9   DC  A OP1   1 
ATOM   163 O  OP2   . DC  A 1 9  ? -1.251  -0.939  9.641   1.00 25.88 ? 9   DC  A OP2   1 
ATOM   164 O  "O5'" . DC  A 1 9  ? -0.951  1.365   10.545  1.00 14.17 ? 9   DC  A "O5'" 1 
ATOM   165 C  "C5'" . DC  A 1 9  ? -2.040  1.645   11.436  1.00 13.17 ? 9   DC  A "C5'" 1 
ATOM   166 C  "C4'" . DC  A 1 9  ? -2.969  2.689   10.838  1.00 13.59 ? 9   DC  A "C4'" 1 
ATOM   167 O  "O4'" . DC  A 1 9  ? -2.291  3.962   10.742  1.00 13.60 ? 9   DC  A "O4'" 1 
ATOM   168 C  "C3'" . DC  A 1 9  ? -3.476  2.392   9.430   1.00 13.46 ? 9   DC  A "C3'" 1 
ATOM   169 O  "O3'" . DC  A 1 9  ? -4.739  3.051   9.214   1.00 13.47 ? 9   DC  A "O3'" 1 
ATOM   170 C  "C2'" . DC  A 1 9  ? -2.456  3.123   8.559   1.00 9.63  ? 9   DC  A "C2'" 1 
ATOM   171 C  "C1'" . DC  A 1 9  ? -2.173  4.366   9.373   1.00 12.63 ? 9   DC  A "C1'" 1 
ATOM   172 N  N1    . DC  A 1 9  ? -0.798  4.861   9.157   1.00 10.34 ? 9   DC  A N1    1 
ATOM   173 C  C2    . DC  A 1 9  ? -0.568  5.704   8.066   1.00 9.93  ? 9   DC  A C2    1 
ATOM   174 O  O2    . DC  A 1 9  ? -1.534  6.045   7.357   1.00 13.01 ? 9   DC  A O2    1 
ATOM   175 N  N3    . DC  A 1 9  ? 0.692   6.122   7.810   1.00 11.09 ? 9   DC  A N3    1 
ATOM   176 C  C4    . DC  A 1 9  ? 1.695   5.721   8.593   1.00 9.53  ? 9   DC  A C4    1 
ATOM   177 N  N4    . DC  A 1 9  ? 2.913   6.150   8.291   1.00 14.50 ? 9   DC  A N4    1 
ATOM   178 C  C5    . DC  A 1 9  ? 1.485   4.876   9.715   1.00 9.00  ? 9   DC  A C5    1 
ATOM   179 C  C6    . DC  A 1 9  ? 0.232   4.481   9.967   1.00 9.68  ? 9   DC  A C6    1 
ATOM   180 P  P     . DG  A 1 10 ? -6.141  2.317   9.572   1.00 14.00 ? 10  DG  A P     1 
ATOM   181 O  OP1   . DG  A 1 10 ? -6.054  0.860   9.332   1.00 16.24 ? 10  DG  A OP1   1 
ATOM   182 O  OP2   . DG  A 1 10 ? -7.165  3.121   8.884   1.00 13.93 ? 10  DG  A OP2   1 
ATOM   183 O  "O5'" . DG  A 1 10 ? -6.269  2.565   11.133  1.00 12.18 ? 10  DG  A "O5'" 1 
ATOM   184 C  "C5'" . DG  A 1 10 ? -6.397  3.893   11.646  1.00 12.39 ? 10  DG  A "C5'" 1 
ATOM   185 C  "C4'" . DG  A 1 10 ? -6.606  3.841   13.139  1.00 10.82 ? 10  DG  A "C4'" 1 
ATOM   186 O  "O4'" . DG  A 1 10 ? -5.481  3.175   13.743  1.00 12.25 ? 10  DG  A "O4'" 1 
ATOM   187 C  "C3'" . DG  A 1 10 ? -6.660  5.234   13.761  1.00 11.26 ? 10  DG  A "C3'" 1 
ATOM   188 O  "O3'" . DG  A 1 10 ? -8.024  5.571   13.941  1.00 13.35 ? 10  DG  A "O3'" 1 
ATOM   189 C  "C2'" . DG  A 1 10 ? -5.970  5.073   15.098  1.00 11.64 ? 10  DG  A "C2'" 1 
ATOM   190 C  "C1'" . DG  A 1 10 ? -5.074  3.855   14.922  1.00 11.60 ? 10  DG  A "C1'" 1 
ATOM   191 N  N9    . DG  A 1 10 ? -3.645  4.137   14.812  1.00 9.71  ? 10  DG  A N9    1 
ATOM   192 C  C8    . DG  A 1 10 ? -2.644  3.564   15.561  1.00 14.12 ? 10  DG  A C8    1 
ATOM   193 N  N7    . DG  A 1 10 ? -1.448  3.986   15.243  1.00 13.57 ? 10  DG  A N7    1 
ATOM   194 C  C5    . DG  A 1 10 ? -1.662  4.896   14.207  1.00 10.22 ? 10  DG  A C5    1 
ATOM   195 C  C6    . DG  A 1 10 ? -0.744  5.656   13.473  1.00 10.25 ? 10  DG  A C6    1 
ATOM   196 O  O6    . DG  A 1 10 ? 0.497   5.656   13.570  1.00 12.19 ? 10  DG  A O6    1 
ATOM   197 N  N1    . DG  A 1 10 ? -1.380  6.468   12.532  1.00 8.89  ? 10  DG  A N1    1 
ATOM   198 C  C2    . DG  A 1 10 ? -2.734  6.513   12.312  1.00 9.46  ? 10  DG  A C2    1 
ATOM   199 N  N2    . DG  A 1 10 ? -3.159  7.344   11.350  1.00 10.13 ? 10  DG  A N2    1 
ATOM   200 N  N3    . DG  A 1 10 ? -3.611  5.791   12.989  1.00 10.19 ? 10  DG  A N3    1 
ATOM   201 C  C4    . DG  A 1 10 ? -3.011  5.011   13.925  1.00 9.97  ? 10  DG  A C4    1 
ATOM   202 P  P     . DC  A 1 11 ? -8.661  6.798   13.120  1.00 15.10 ? 11  DC  A P     1 
ATOM   203 O  OP1   . DC  A 1 11 ? -10.055 6.922   13.614  1.00 18.45 ? 11  DC  A OP1   1 
ATOM   204 O  OP2   . DC  A 1 11 ? -8.395  6.695   11.664  1.00 16.31 ? 11  DC  A OP2   1 
ATOM   205 O  "O5'" . DC  A 1 11 ? -7.779  7.995   13.661  1.00 15.43 ? 11  DC  A "O5'" 1 
ATOM   206 C  "C5'" . DC  A 1 11 ? -8.358  9.214   14.099  1.00 15.73 ? 11  DC  A "C5'" 1 
ATOM   207 C  "C4'" . DC  A 1 11 ? -7.453  10.351  13.690  1.00 14.22 ? 11  DC  A "C4'" 1 
ATOM   208 O  "O4'" . DC  A 1 11 ? -6.234  10.304  14.457  1.00 14.59 ? 11  DC  A "O4'" 1 
ATOM   209 C  "C3'" . DC  A 1 11 ? -7.023  10.361  12.226  1.00 17.35 ? 11  DC  A "C3'" 1 
ATOM   210 O  "O3'" . DC  A 1 11 ? -6.953  11.726  11.883  1.00 20.46 ? 11  DC  A "O3'" 1 
ATOM   211 C  "C2'" . DC  A 1 11 ? -5.600  9.820   12.262  1.00 10.16 ? 11  DC  A "C2'" 1 
ATOM   212 C  "C1'" . DC  A 1 11 ? -5.115  10.374  13.594  1.00 10.99 ? 11  DC  A "C1'" 1 
ATOM   213 N  N1    . DC  A 1 11 ? -4.039  9.625   14.260  1.00 10.41 ? 11  DC  A N1    1 
ATOM   214 C  C2    . DC  A 1 11 ? -2.724  9.928   13.930  1.00 11.85 ? 11  DC  A C2    1 
ATOM   215 O  O2    . DC  A 1 11 ? -2.521  10.791  13.047  1.00 10.03 ? 11  DC  A O2    1 
ATOM   216 N  N3    . DC  A 1 11 ? -1.720  9.288   14.568  1.00 11.40 ? 11  DC  A N3    1 
ATOM   217 C  C4    . DC  A 1 11 ? -1.994  8.357   15.494  1.00 8.17  ? 11  DC  A C4    1 
ATOM   218 N  N4    . DC  A 1 11 ? -0.968  7.736   16.097  1.00 10.48 ? 11  DC  A N4    1 
ATOM   219 C  C5    . DC  A 1 11 ? -3.325  8.015   15.846  1.00 11.70 ? 11  DC  A C5    1 
ATOM   220 C  C6    . DC  A 1 11 ? -4.315  8.673   15.202  1.00 10.80 ? 11  DC  A C6    1 
ATOM   221 P  P     . DG  A 1 12 ? -8.186  12.419  11.139  1.00 23.26 ? 12  DG  A P     1 
ATOM   222 O  OP1   . DG  A 1 12 ? -8.494  11.511  10.020  1.00 19.44 ? 12  DG  A OP1   1 
ATOM   223 O  OP2   . DG  A 1 12 ? -7.688  13.812  10.868  1.00 22.34 ? 12  DG  A OP2   1 
ATOM   224 O  "O5'" . DG  A 1 12 ? -9.361  12.509  12.233  1.00 26.32 ? 12  DG  A "O5'" 1 
ATOM   225 C  "C5'" . DG  A 1 12 ? -9.309  13.528  13.266  1.00 23.79 ? 12  DG  A "C5'" 1 
ATOM   226 C  "C4'" . DG  A 1 12 ? -10.336 13.296  14.360  1.00 24.97 ? 12  DG  A "C4'" 1 
ATOM   227 O  "O4'" . DG  A 1 12 ? -10.143 12.002  14.967  1.00 20.78 ? 12  DG  A "O4'" 1 
ATOM   228 C  "C3'" . DG  A 1 12 ? -10.162 14.268  15.528  1.00 27.46 ? 12  DG  A "C3'" 1 
ATOM   229 O  "O3'" . DG  A 1 12 ? -10.763 15.568  15.404  1.00 27.15 ? 12  DG  A "O3'" 1 
ATOM   230 C  "C2'" . DG  A 1 12 ? -10.683 13.501  16.729  1.00 23.60 ? 12  DG  A "C2'" 1 
ATOM   231 C  "C1'" . DG  A 1 12 ? -10.498 12.036  16.349  1.00 18.85 ? 12  DG  A "C1'" 1 
ATOM   232 N  N9    . DG  A 1 12 ? -9.449  11.352  17.099  1.00 17.76 ? 12  DG  A N9    1 
ATOM   233 C  C8    . DG  A 1 12 ? -9.605  10.324  17.999  1.00 23.03 ? 12  DG  A C8    1 
ATOM   234 N  N7    . DG  A 1 12 ? -8.467  9.875   18.464  1.00 24.07 ? 12  DG  A N7    1 
ATOM   235 C  C5    . DG  A 1 12 ? -7.506  10.670  17.850  1.00 20.49 ? 12  DG  A C5    1 
ATOM   236 C  C6    . DG  A 1 12 ? -6.099  10.644  17.963  1.00 9.32  ? 12  DG  A C6    1 
ATOM   237 O  O6    . DG  A 1 12 ? -5.390  9.849   18.642  1.00 22.17 ? 12  DG  A O6    1 
ATOM   238 N  N1    . DG  A 1 12 ? -5.504  11.627  17.176  1.00 16.92 ? 12  DG  A N1    1 
ATOM   239 C  C2    . DG  A 1 12 ? -6.188  12.504  16.363  1.00 10.95 ? 12  DG  A C2    1 
ATOM   240 N  N2    . DG  A 1 12 ? -5.453  13.384  15.628  1.00 15.85 ? 12  DG  A N2    1 
ATOM   241 N  N3    . DG  A 1 12 ? -7.510  12.529  16.253  1.00 18.95 ? 12  DG  A N3    1 
ATOM   242 C  C4    . DG  A 1 12 ? -8.096  11.592  17.014  1.00 18.22 ? 12  DG  A C4    1 
ATOM   243 O  "O5'" . DC  B 1 1  ? 3.023   13.498  17.330  1.00 16.43 ? 13  DC  B "O5'" 1 
ATOM   244 C  "C5'" . DC  B 1 1  ? 3.487   13.530  15.981  1.00 14.52 ? 13  DC  B "C5'" 1 
ATOM   245 C  "C4'" . DC  B 1 1  ? 2.341   13.781  15.025  1.00 13.02 ? 13  DC  B "C4'" 1 
ATOM   246 O  "O4'" . DC  B 1 1  ? 1.354   12.733  15.170  1.00 13.31 ? 13  DC  B "O4'" 1 
ATOM   247 C  "C3'" . DC  B 1 1  ? 1.579   15.100  15.199  1.00 15.38 ? 13  DC  B "C3'" 1 
ATOM   248 O  "O3'" . DC  B 1 1  ? 1.093   15.545  13.918  1.00 14.30 ? 13  DC  B "O3'" 1 
ATOM   249 C  "C2'" . DC  B 1 1  ? 0.364   14.671  16.015  1.00 11.79 ? 13  DC  B "C2'" 1 
ATOM   250 C  "C1'" . DC  B 1 1  ? 0.073   13.308  15.401  1.00 11.26 ? 13  DC  B "C1'" 1 
ATOM   251 N  N1    . DC  B 1 1  ? -0.637  12.410  16.307  1.00 10.98 ? 13  DC  B N1    1 
ATOM   252 C  C2    . DC  B 1 1  ? -2.015  12.422  16.291  1.00 13.46 ? 13  DC  B C2    1 
ATOM   253 O  O2    . DC  B 1 1  ? -2.584  13.231  15.551  1.00 13.42 ? 13  DC  B O2    1 
ATOM   254 N  N3    . DC  B 1 1  ? -2.686  11.563  17.088  1.00 12.35 ? 13  DC  B N3    1 
ATOM   255 C  C4    . DC  B 1 1  ? -2.016  10.727  17.890  1.00 13.94 ? 13  DC  B C4    1 
ATOM   256 N  N4    . DC  B 1 1  ? -2.714  9.882   18.636  1.00 17.63 ? 13  DC  B N4    1 
ATOM   257 C  C5    . DC  B 1 1  ? -0.602  10.720  17.951  1.00 15.34 ? 13  DC  B C5    1 
ATOM   258 C  C6    . DC  B 1 1  ? 0.044   11.572  17.149  1.00 10.21 ? 13  DC  B C6    1 
ATOM   259 P  P     . DG  B 1 2  ? 1.923   16.631  13.070  1.00 18.32 ? 14  DG  B P     1 
ATOM   260 O  OP1   . DG  B 1 2  ? 2.428   17.699  13.952  1.00 20.20 ? 14  DG  B OP1   1 
ATOM   261 O  OP2   . DG  B 1 2  ? 1.090   16.976  11.897  1.00 20.71 ? 14  DG  B OP2   1 
ATOM   262 O  "O5'" . DG  B 1 2  ? 3.181   15.836  12.523  1.00 16.29 ? 14  DG  B "O5'" 1 
ATOM   263 C  "C5'" . DG  B 1 2  ? 3.047   14.811  11.528  1.00 11.65 ? 14  DG  B "C5'" 1 
ATOM   264 C  "C4'" . DG  B 1 2  ? 4.374   14.120  11.358  1.00 14.24 ? 14  DG  B "C4'" 1 
ATOM   265 O  "O4'" . DG  B 1 2  ? 4.771   13.559  12.626  1.00 12.25 ? 14  DG  B "O4'" 1 
ATOM   266 C  "C3'" . DG  B 1 2  ? 4.345   12.964  10.365  1.00 14.42 ? 14  DG  B "C3'" 1 
ATOM   267 O  "O3'" . DG  B 1 2  ? 4.803   13.479  9.111   1.00 16.94 ? 14  DG  B "O3'" 1 
ATOM   268 C  "C2'" . DG  B 1 2  ? 5.341   11.978  10.937  1.00 9.76  ? 14  DG  B "C2'" 1 
ATOM   269 C  "C1'" . DG  B 1 2  ? 5.382   12.292  12.412  1.00 10.65 ? 14  DG  B "C1'" 1 
ATOM   270 N  N9    . DG  B 1 2  ? 4.729   11.302  13.264  1.00 10.36 ? 14  DG  B N9    1 
ATOM   271 C  C8    . DG  B 1 2  ? 5.353   10.547  14.233  1.00 12.81 ? 14  DG  B C8    1 
ATOM   272 N  N7    . DG  B 1 2  ? 4.525   9.776   14.896  1.00 12.66 ? 14  DG  B N7    1 
ATOM   273 C  C5    . DG  B 1 2  ? 3.283   10.014  14.310  1.00 10.60 ? 14  DG  B C5    1 
ATOM   274 C  C6    . DG  B 1 2  ? 2.016   9.509   14.636  1.00 9.39  ? 14  DG  B C6    1 
ATOM   275 O  O6    . DG  B 1 2  ? 1.700   8.723   15.554  1.00 12.98 ? 14  DG  B O6    1 
ATOM   276 N  N1    . DG  B 1 2  ? 1.024   10.041  13.813  1.00 8.39  ? 14  DG  B N1    1 
ATOM   277 C  C2    . DG  B 1 2  ? 1.228   10.967  12.837  1.00 10.46 ? 14  DG  B C2    1 
ATOM   278 N  N2    . DG  B 1 2  ? 0.105   11.410  12.194  1.00 9.59  ? 14  DG  B N2    1 
ATOM   279 N  N3    . DG  B 1 2  ? 2.411   11.457  12.518  1.00 10.89 ? 14  DG  B N3    1 
ATOM   280 C  C4    . DG  B 1 2  ? 3.389   10.947  13.294  1.00 12.20 ? 14  DG  B C4    1 
ATOM   281 P  P     . DC  B 1 3  ? 4.525   12.680  7.732   1.00 18.91 ? 15  DC  B P     1 
ATOM   282 O  OP1   . DC  B 1 3  ? 4.990   11.278  7.868   1.00 21.07 ? 15  DC  B OP1   1 
ATOM   283 O  OP2   . DC  B 1 3  ? 5.130   13.539  6.674   1.00 20.81 ? 15  DC  B OP2   1 
ATOM   284 O  "O5'" . DC  B 1 3  ? 2.939   12.729  7.548   1.00 14.78 ? 15  DC  B "O5'" 1 
ATOM   285 C  "C5'" . DC  B 1 3  ? 2.343   12.466  6.259   1.00 12.61 ? 15  DC  B "C5'" 1 
ATOM   286 C  "C4'" . DC  B 1 3  ? 0.926   11.959  6.447   1.00 11.51 ? 15  DC  B "C4'" 1 
ATOM   287 O  "O4'" . DC  B 1 3  ? 1.037   10.656  7.073   1.00 10.32 ? 15  DC  B "O4'" 1 
ATOM   288 C  "C3'" . DC  B 1 3  ? 0.089   12.819  7.393   1.00 12.12 ? 15  DC  B "C3'" 1 
ATOM   289 O  "O3'" . DC  B 1 3  ? -1.267  12.901  6.942   1.00 13.75 ? 15  DC  B "O3'" 1 
ATOM   290 C  "C2'" . DC  B 1 3  ? 0.071   12.007  8.681   1.00 14.55 ? 15  DC  B "C2'" 1 
ATOM   291 C  "C1'" . DC  B 1 3  ? 0.163   10.577  8.180   1.00 11.35 ? 15  DC  B "C1'" 1 
ATOM   292 N  N1    . DC  B 1 3  ? 0.775   9.670   9.153   1.00 9.83  ? 15  DC  B N1    1 
ATOM   293 C  C2    . DC  B 1 3  ? -0.046  8.843   9.915   1.00 12.89 ? 15  DC  B C2    1 
ATOM   294 O  O2    . DC  B 1 3  ? -1.258  8.847   9.710   1.00 11.55 ? 15  DC  B O2    1 
ATOM   295 N  N3    . DC  B 1 3  ? 0.511   8.070   10.852  1.00 9.66  ? 15  DC  B N3    1 
ATOM   296 C  C4    . DC  B 1 3  ? 1.822   8.084   11.039  1.00 8.79  ? 15  DC  B C4    1 
ATOM   297 N  N4    . DC  B 1 3  ? 2.301   7.330   12.009  1.00 12.40 ? 15  DC  B N4    1 
ATOM   298 C  C5    . DC  B 1 3  ? 2.691   8.889   10.249  1.00 9.97  ? 15  DC  B C5    1 
ATOM   299 C  C6    . DC  B 1 3  ? 2.126   9.657   9.327   1.00 11.22 ? 15  DC  B C6    1 
ATOM   300 P  P     . DG  B 1 4  ? -1.778  14.193  6.134   1.00 14.39 ? 16  DG  B P     1 
ATOM   301 O  OP1   . DG  B 1 4  ? -1.117  15.429  6.675   1.00 15.41 ? 16  DG  B OP1   1 
ATOM   302 O  OP2   . DG  B 1 4  ? -3.265  14.104  6.112   1.00 15.38 ? 16  DG  B OP2   1 
ATOM   303 O  "O5'" . DG  B 1 4  ? -1.228  13.919  4.674   1.00 11.85 ? 16  DG  B "O5'" 1 
ATOM   304 C  "C5'" . DG  B 1 4  ? -1.675  12.790  3.968   1.00 10.88 ? 16  DG  B "C5'" 1 
ATOM   305 C  "C4'" . DG  B 1 4  ? -0.944  12.683  2.665   1.00 11.23 ? 16  DG  B "C4'" 1 
ATOM   306 O  "O4'" . DG  B 1 4  ? 0.451   12.513  2.927   1.00 11.01 ? 16  DG  B "O4'" 1 
ATOM   307 C  "C3'" . DG  B 1 4  ? -1.373  11.468  1.858   1.00 13.14 ? 16  DG  B "C3'" 1 
ATOM   308 O  "O3'" . DG  B 1 4  ? -2.352  11.925  0.923   1.00 15.68 ? 16  DG  B "O3'" 1 
ATOM   309 C  "C2'" . DG  B 1 4  ? -0.108  11.012  1.170   1.00 17.60 ? 16  DG  B "C2'" 1 
ATOM   310 C  "C1'" . DG  B 1 4  ? 1.008   11.600  2.004   1.00 12.42 ? 16  DG  B "C1'" 1 
ATOM   311 N  N9    . DG  B 1 4  ? 1.795   10.659  2.780   1.00 12.54 ? 16  DG  B N9    1 
ATOM   312 C  C8    . DG  B 1 4  ? 3.155   10.560  2.781   1.00 12.24 ? 16  DG  B C8    1 
ATOM   313 N  N7    . DG  B 1 4  ? 3.615   9.705   3.647   1.00 13.17 ? 16  DG  B N7    1 
ATOM   314 C  C5    . DG  B 1 4  ? 2.472   9.184   4.251   1.00 10.95 ? 16  DG  B C5    1 
ATOM   315 C  C6    . DG  B 1 4  ? 2.351   8.210   5.266   1.00 10.39 ? 16  DG  B C6    1 
ATOM   316 O  O6    . DG  B 1 4  ? 3.264   7.624   5.861   1.00 14.65 ? 16  DG  B O6    1 
ATOM   317 N  N1    . DG  B 1 4  ? 1.003   7.949   5.577   1.00 11.30 ? 16  DG  B N1    1 
ATOM   318 C  C2    . DG  B 1 4  ? -0.073  8.593   4.982   1.00 10.23 ? 16  DG  B C2    1 
ATOM   319 N  N2    . DG  B 1 4  ? -1.306  8.269   5.430   1.00 11.96 ? 16  DG  B N2    1 
ATOM   320 N  N3    . DG  B 1 4  ? 0.047   9.506   4.025   1.00 14.34 ? 16  DG  B N3    1 
ATOM   321 C  C4    . DG  B 1 4  ? 1.338   9.747   3.714   1.00 10.21 ? 16  DG  B C4    1 
HETATM 322 P  P     . DPY B 1 5  ? -3.576  10.979  0.540   1.00 18.49 ? 17  DPY B P     1 
HETATM 323 O  O1P   . DPY B 1 5  ? -4.252  11.551  -0.669  1.00 19.06 ? 17  DPY B O1P   1 
HETATM 324 O  O2P   . DPY B 1 5  ? -4.378  10.709  1.755   1.00 18.85 ? 17  DPY B O2P   1 
HETATM 325 O  "O5'" . DPY B 1 5  ? -2.838  9.651   0.083   1.00 15.94 ? 17  DPY B "O5'" 1 
HETATM 326 C  C1    . DPY B 1 5  ? 0.023   6.635   1.357   1.00 8.66  ? 17  DPY B C1    1 
HETATM 327 C  C2    . DPY B 1 5  ? 0.771   5.920   2.300   1.00 9.66  ? 17  DPY B C2    1 
HETATM 328 C  C7    . DPY B 1 5  ? 0.188   4.963   3.181   1.00 15.29 ? 17  DPY B C7    1 
HETATM 329 O  O71   . DPY B 1 5  ? -0.989  4.689   3.199   1.00 18.92 ? 17  DPY B O71   1 
HETATM 330 O  O72   . DPY B 1 5  ? 0.981   4.416   3.948   1.00 20.74 ? 17  DPY B O72   1 
HETATM 331 N  N3    . DPY B 1 5  ? 2.084   6.105   2.393   1.00 9.83  ? 17  DPY B N3    1 
HETATM 332 C  C4    . DPY B 1 5  ? 2.818   6.927   1.649   1.00 9.25  ? 17  DPY B C4    1 
HETATM 333 C  C8    . DPY B 1 5  ? 4.227   7.039   1.826   1.00 13.60 ? 17  DPY B C8    1 
HETATM 334 O  O81   . DPY B 1 5  ? 4.885   7.800   1.131   1.00 13.88 ? 17  DPY B O81   1 
HETATM 335 O  O82   . DPY B 1 5  ? 4.729   6.301   2.744   1.00 12.91 ? 17  DPY B O82   1 
HETATM 336 C  C5    . DPY B 1 5  ? 2.147   7.690   0.661   1.00 11.33 ? 17  DPY B C5    1 
HETATM 337 C  C6    . DPY B 1 5  ? 0.737   7.545   0.517   1.00 11.84 ? 17  DPY B C6    1 
HETATM 338 C  "C2'" . DPY B 1 5  ? -2.352  7.227   2.231   1.00 10.99 ? 17  DPY B "C2'" 1 
HETATM 339 C  "C5'" . DPY B 1 5  ? -3.557  8.635   -0.621  1.00 15.84 ? 17  DPY B "C5'" 1 
HETATM 340 C  "C4'" . DPY B 1 5  ? -3.330  7.297   0.040   1.00 12.25 ? 17  DPY B "C4'" 1 
HETATM 341 O  "O4'" . DPY B 1 5  ? -1.921  7.009   -0.029  1.00 13.66 ? 17  DPY B "O4'" 1 
HETATM 342 C  "C1'" . DPY B 1 5  ? -1.501  6.484   1.204   1.00 12.75 ? 17  DPY B "C1'" 1 
HETATM 343 C  "C3'" . DPY B 1 5  ? -3.704  7.243   1.531   1.00 11.56 ? 17  DPY B "C3'" 1 
HETATM 344 O  "O3'" . DPY B 1 5  ? -4.303  5.974   1.789   1.00 11.79 ? 17  DPY B "O3'" 1 
ATOM   345 P  P     . DA  B 1 6  ? -5.905  5.820   1.813   1.00 14.08 ? 18  DA  B P     1 
ATOM   346 O  OP1   . DA  B 1 6  ? -6.539  7.000   2.436   1.00 15.56 ? 18  DA  B OP1   1 
ATOM   347 O  OP2   . DA  B 1 6  ? -6.120  4.462   2.372   1.00 17.49 ? 18  DA  B OP2   1 
ATOM   348 O  "O5'" . DA  B 1 6  ? -6.313  5.773   0.279   1.00 13.64 ? 18  DA  B "O5'" 1 
ATOM   349 C  "C5'" . DA  B 1 6  ? -5.876  4.726   -0.562  1.00 13.68 ? 18  DA  B "C5'" 1 
ATOM   350 C  "C4'" . DA  B 1 6  ? -6.285  5.050   -1.971  1.00 11.33 ? 18  DA  B "C4'" 1 
ATOM   351 O  "O4'" . DA  B 1 6  ? -5.644  6.273   -2.352  1.00 13.07 ? 18  DA  B "O4'" 1 
ATOM   352 C  "C3'" . DA  B 1 6  ? -5.863  4.006   -2.978  1.00 16.58 ? 18  DA  B "C3'" 1 
ATOM   353 O  "O3'" . DA  B 1 6  ? -6.993  3.154   -3.141  1.00 17.09 ? 18  DA  B "O3'" 1 
ATOM   354 C  "C2'" . DA  B 1 6  ? -5.550  4.819   -4.219  1.00 14.86 ? 18  DA  B "C2'" 1 
ATOM   355 C  "C1'" . DA  B 1 6  ? -5.220  6.211   -3.696  1.00 14.78 ? 18  DA  B "C1'" 1 
ATOM   356 N  N9    . DA  B 1 6  ? -3.799  6.567   -3.707  1.00 12.41 ? 18  DA  B N9    1 
ATOM   357 C  C8    . DA  B 1 6  ? -3.281  7.654   -4.364  1.00 13.86 ? 18  DA  B C8    1 
ATOM   358 N  N7    . DA  B 1 6  ? -1.991  7.796   -4.215  1.00 15.87 ? 18  DA  B N7    1 
ATOM   359 C  C5    . DA  B 1 6  ? -1.619  6.724   -3.419  1.00 13.01 ? 18  DA  B C5    1 
ATOM   360 C  C6    . DA  B 1 6  ? -0.375  6.323   -2.909  1.00 10.16 ? 18  DA  B C6    1 
ATOM   361 N  N6    . DA  B 1 6  ? 0.768   6.983   -3.153  1.00 13.82 ? 18  DA  B N6    1 
ATOM   362 N  N1    . DA  B 1 6  ? -0.332  5.229   -2.127  1.00 12.11 ? 18  DA  B N1    1 
ATOM   363 C  C2    . DA  B 1 6  ? -1.472  4.576   -1.878  1.00 10.62 ? 18  DA  B C2    1 
ATOM   364 N  N3    . DA  B 1 6  ? -2.709  4.854   -2.306  1.00 10.22 ? 18  DA  B N3    1 
ATOM   365 C  C4    . DA  B 1 6  ? -2.718  5.955   -3.085  1.00 11.73 ? 18  DA  B C4    1 
ATOM   366 P  P     . DT  B 1 7  ? -6.864  1.847   -4.037  1.00 21.01 ? 19  DT  B P     1 
ATOM   367 O  OP1   . DT  B 1 7  ? -6.627  2.254   -5.446  1.00 21.89 ? 19  DT  B OP1   1 
ATOM   368 O  OP2   . DT  B 1 7  ? -8.051  1.010   -3.695  1.00 21.58 ? 19  DT  B OP2   1 
ATOM   369 O  "O5'" . DT  B 1 7  ? -5.554  1.160   -3.470  1.00 19.52 ? 19  DT  B "O5'" 1 
ATOM   370 C  "C5'" . DT  B 1 7  ? -5.338  -0.232  -3.640  1.00 23.14 ? 19  DT  B "C5'" 1 
ATOM   371 C  "C4'" . DT  B 1 7  ? -4.041  -0.613  -2.975  1.00 19.88 ? 19  DT  B "C4'" 1 
ATOM   372 O  "O4'" . DT  B 1 7  ? -2.957  -0.062  -3.748  1.00 19.80 ? 19  DT  B "O4'" 1 
ATOM   373 C  "C3'" . DT  B 1 7  ? -3.894  -0.030  -1.569  1.00 21.70 ? 19  DT  B "C3'" 1 
ATOM   374 O  "O3'" . DT  B 1 7  ? -3.371  -1.027  -0.705  1.00 25.73 ? 19  DT  B "O3'" 1 
ATOM   375 C  "C2'" . DT  B 1 7  ? -2.836  1.048   -1.739  1.00 17.75 ? 19  DT  B "C2'" 1 
ATOM   376 C  "C1'" . DT  B 1 7  ? -2.005  0.456   -2.848  1.00 14.31 ? 19  DT  B "C1'" 1 
ATOM   377 N  N1    . DT  B 1 7  ? -1.201  1.447   -3.564  1.00 12.22 ? 19  DT  B N1    1 
ATOM   378 C  C2    . DT  B 1 7  ? 0.144   1.484   -3.274  1.00 10.77 ? 19  DT  B C2    1 
ATOM   379 O  O2    . DT  B 1 7  ? 0.661   0.733   -2.448  1.00 13.33 ? 19  DT  B O2    1 
ATOM   380 N  N3    . DT  B 1 7  ? 0.849   2.428   -3.949  1.00 11.51 ? 19  DT  B N3    1 
ATOM   381 C  C4    . DT  B 1 7  ? 0.344   3.347   -4.860  1.00 11.70 ? 19  DT  B C4    1 
ATOM   382 O  O4    . DT  B 1 7  ? 1.097   4.167   -5.359  1.00 15.44 ? 19  DT  B O4    1 
ATOM   383 C  C5    . DT  B 1 7  ? -1.087  3.236   -5.128  1.00 13.00 ? 19  DT  B C5    1 
ATOM   384 C  C7    . DT  B 1 7  ? -1.723  4.152   -6.130  1.00 17.28 ? 19  DT  B C7    1 
ATOM   385 C  C6    . DT  B 1 7  ? -1.771  2.308   -4.474  1.00 13.69 ? 19  DT  B C6    1 
HETATM 386 P  P     . DRP B 1 8  ? -4.355  -1.800  0.310   1.00 31.40 ? 20  DRP B P     1 
HETATM 387 O  O1P   . DRP B 1 8  ? -5.345  -0.864  0.888   1.00 30.82 ? 20  DRP B O1P   1 
HETATM 388 O  O2P   . DRP B 1 8  ? -3.480  -2.603  1.203   1.00 34.00 ? 20  DRP B O2P   1 
HETATM 389 O  "O5'" . DRP B 1 8  ? -5.149  -2.792  -0.626  1.00 30.19 ? 20  DRP B "O5'" 1 
HETATM 390 C  C1    . DRP B 1 8  ? -4.905  -3.597  -5.276  1.00 15.81 ? 20  DRP B C1    1 
HETATM 391 C  C2    . DRP B 1 8  ? -3.666  -2.945  -5.295  1.00 16.23 ? 20  DRP B C2    1 
HETATM 392 N  N3    . DRP B 1 8  ? -3.374  -1.999  -6.191  1.00 11.10 ? 20  DRP B N3    1 
HETATM 393 C  C4    . DRP B 1 8  ? -4.248  -1.626  -7.117  1.00 12.39 ? 20  DRP B C4    1 
HETATM 394 C  C5    . DRP B 1 8  ? -5.521  -2.228  -7.183  1.00 14.66 ? 20  DRP B C5    1 
HETATM 395 C  C6    . DRP B 1 8  ? -5.846  -3.225  -6.245  1.00 16.51 ? 20  DRP B C6    1 
HETATM 396 C  "C2'" . DRP B 1 8  ? -4.018  -5.433  -3.697  1.00 18.48 ? 20  DRP B "C2'" 1 
HETATM 397 C  "C5'" . DRP B 1 8  ? -4.463  -3.857  -1.200  1.00 31.54 ? 20  DRP B "C5'" 1 
HETATM 398 C  "C4'" . DRP B 1 8  ? -5.412  -4.785  -1.904  1.00 27.96 ? 20  DRP B "C4'" 1 
HETATM 399 O  "O4'" . DRP B 1 8  ? -5.915  -4.166  -3.125  1.00 23.92 ? 20  DRP B "O4'" 1 
HETATM 400 C  "C1'" . DRP B 1 8  ? -5.211  -4.682  -4.251  1.00 18.77 ? 20  DRP B "C1'" 1 
HETATM 401 C  "C3'" . DRP B 1 8  ? -4.547  -5.938  -2.371  1.00 25.17 ? 20  DRP B "C3'" 1 
HETATM 402 O  "O3'" . DRP B 1 8  ? -5.293  -7.139  -2.450  1.00 26.87 ? 20  DRP B "O3'" 1 
ATOM   403 P  P     . DC  B 1 9  ? -4.659  -8.486  -1.856  1.00 29.11 ? 21  DC  B P     1 
ATOM   404 O  OP1   . DC  B 1 9  ? -5.664  -9.545  -2.045  1.00 30.07 ? 21  DC  B OP1   1 
ATOM   405 O  OP2   . DC  B 1 9  ? -4.075  -8.243  -0.510  1.00 28.26 ? 21  DC  B OP2   1 
ATOM   406 O  "O5'" . DC  B 1 9  ? -3.427  -8.772  -2.826  1.00 18.04 ? 21  DC  B "O5'" 1 
ATOM   407 C  "C5'" . DC  B 1 9  ? -2.775  -10.041 -2.811  1.00 18.58 ? 21  DC  B "C5'" 1 
ATOM   408 C  "C4'" . DC  B 1 9  ? -1.353  -9.888  -3.288  1.00 13.23 ? 21  DC  B "C4'" 1 
ATOM   409 O  "O4'" . DC  B 1 9  ? -1.418  -9.350  -4.632  1.00 11.80 ? 21  DC  B "O4'" 1 
ATOM   410 C  "C3'" . DC  B 1 9  ? -0.527  -8.892  -2.480  1.00 15.65 ? 21  DC  B "C3'" 1 
ATOM   411 O  "O3'" . DC  B 1 9  ? 0.843   -9.308  -2.469  1.00 18.25 ? 21  DC  B "O3'" 1 
ATOM   412 C  "C2'" . DC  B 1 9  ? -0.667  -7.613  -3.294  1.00 11.01 ? 21  DC  B "C2'" 1 
ATOM   413 C  "C1'" . DC  B 1 9  ? -0.675  -8.150  -4.716  1.00 10.60 ? 21  DC  B "C1'" 1 
ATOM   414 N  N1    . DC  B 1 9  ? -1.355  -7.269  -5.687  1.00 10.32 ? 21  DC  B N1    1 
ATOM   415 C  C2    . DC  B 1 9  ? -0.607  -6.271  -6.283  1.00 6.77  ? 21  DC  B C2    1 
ATOM   416 O  O2    . DC  B 1 9  ? 0.606   -6.186  -5.987  1.00 10.18 ? 21  DC  B O2    1 
ATOM   417 N  N3    . DC  B 1 9  ? -1.203  -5.426  -7.150  1.00 9.04  ? 21  DC  B N3    1 
ATOM   418 C  C4    . DC  B 1 9  ? -2.505  -5.562  -7.437  1.00 7.45  ? 21  DC  B C4    1 
ATOM   419 N  N4    . DC  B 1 9  ? -3.059  -4.681  -8.284  1.00 9.49  ? 21  DC  B N4    1 
ATOM   420 C  C5    . DC  B 1 9  ? -3.293  -6.600  -6.858  1.00 8.61  ? 21  DC  B C5    1 
ATOM   421 C  C6    . DC  B 1 9  ? -2.686  -7.411  -5.990  1.00 8.93  ? 21  DC  B C6    1 
ATOM   422 P  P     . DG  B 1 10 ? 1.391   -10.279 -1.291  1.00 20.21 ? 22  DG  B P     1 
ATOM   423 O  OP1   . DG  B 1 10 ? 0.718   -9.951  -0.038  1.00 23.52 ? 22  DG  B OP1   1 
ATOM   424 O  OP2   . DG  B 1 10 ? 2.869   -10.250 -1.395  1.00 22.69 ? 22  DG  B OP2   1 
ATOM   425 O  "O5'" . DG  B 1 10 ? 0.880   -11.726 -1.714  1.00 17.23 ? 22  DG  B "O5'" 1 
ATOM   426 C  "C5'" A DG  B 1 10 ? 1.383   -12.352 -2.862  0.50 17.91 ? 22  DG  B "C5'" 1 
ATOM   427 C  "C5'" B DG  B 1 10 ? 1.347   -12.382 -2.907  0.50 16.44 ? 22  DG  B "C5'" 1 
ATOM   428 C  "C4'" A DG  B 1 10 ? 0.654   -13.650 -3.082  0.50 17.23 ? 22  DG  B "C4'" 1 
ATOM   429 C  "C4'" B DG  B 1 10 ? 0.553   -13.651 -3.146  0.50 14.77 ? 22  DG  B "C4'" 1 
ATOM   430 O  "O4'" A DG  B 1 10 ? -0.759  -13.405 -3.201  0.50 14.72 ? 22  DG  B "O4'" 1 
ATOM   431 O  "O4'" B DG  B 1 10 ? -0.846  -13.311 -3.118  0.50 12.40 ? 22  DG  B "O4'" 1 
ATOM   432 C  "C3'" A DG  B 1 10 ? 1.073   -14.304 -4.384  0.50 18.09 ? 22  DG  B "C3'" 1 
ATOM   433 C  "C3'" B DG  B 1 10 ? 0.779   -14.379 -4.480  0.50 12.11 ? 22  DG  B "C3'" 1 
ATOM   434 O  "O3'" A DG  B 1 10 ? 2.204   -15.125 -4.092  0.50 19.20 ? 22  DG  B "O3'" 1 
ATOM   435 O  "O3'" B DG  B 1 10 ? 1.726   -15.435 -4.284  0.50 11.38 ? 22  DG  B "O3'" 1 
ATOM   436 C  "C2'" A DG  B 1 10 ? -0.173  -15.066 -4.809  0.50 17.59 ? 22  DG  B "C2'" 1 
ATOM   437 C  "C2'" B DG  B 1 10 ? -0.579  -14.985 -4.797  0.50 12.86 ? 22  DG  B "C2'" 1 
ATOM   438 C  "C1'" A DG  B 1 10 ? -1.324  -14.287 -4.157  0.50 16.25 ? 22  DG  B "C1'" 1 
ATOM   439 C  "C1'" B DG  B 1 10 ? -1.574  -14.130 -4.018  0.50 14.16 ? 22  DG  B "C1'" 1 
ATOM   440 N  N9    A DG  B 1 10 ? -2.172  -13.496 -5.047  0.50 13.51 ? 22  DG  B N9    1 
ATOM   441 N  N9    B DG  B 1 10 ? -2.408  -13.268 -4.849  0.50 10.33 ? 22  DG  B N9    1 
ATOM   442 C  C8    A DG  B 1 10 ? -3.527  -13.645 -5.223  0.50 14.47 ? 22  DG  B C8    1 
ATOM   443 C  C8    B DG  B 1 10 ? -3.782  -13.248 -4.879  0.50 10.34 ? 22  DG  B C8    1 
ATOM   444 N  N7    A DG  B 1 10 ? -4.029  -12.804 -6.090  0.50 16.77 ? 22  DG  B N7    1 
ATOM   445 N  N7    B DG  B 1 10 ? -4.263  -12.396 -5.745  0.50 10.78 ? 22  DG  B N7    1 
ATOM   446 C  C5    A DG  B 1 10 ? -2.941  -12.054 -6.513  0.50 11.97 ? 22  DG  B C5    1 
ATOM   447 C  C5    B DG  B 1 10 ? -3.140  -11.813 -6.317  0.50 10.18 ? 22  DG  B C5    1 
ATOM   448 C  C6    A DG  B 1 10 ? -2.873  -10.991 -7.451  0.50 11.19 ? 22  DG  B C6    1 
ATOM   449 C  C6    B DG  B 1 10 ? -3.042  -10.817 -7.318  0.50 5.29  ? 22  DG  B C6    1 
ATOM   450 O  O6    A DG  B 1 10 ? -3.789  -10.513 -8.131  0.50 11.30 ? 22  DG  B O6    1 
ATOM   451 O  O6    B DG  B 1 10 ? -3.948  -10.260 -7.925  0.50 12.40 ? 22  DG  B O6    1 
ATOM   452 N  N1    A DG  B 1 10 ? -1.576  -10.489 -7.566  0.50 8.22  ? 22  DG  B N1    1 
ATOM   453 N  N1    B DG  B 1 10 ? -1.713  -10.490 -7.592  0.50 6.76  ? 22  DG  B N1    1 
ATOM   454 C  C2    A DG  B 1 10 ? -0.481  -10.953 -6.869  0.50 11.40 ? 22  DG  B C2    1 
ATOM   455 C  C2    B DG  B 1 10 ? -0.618  -11.050 -6.980  0.50 10.47 ? 22  DG  B C2    1 
ATOM   456 N  N2    A DG  B 1 10 ? 0.687   -10.310 -7.089  0.50 9.40  ? 22  DG  B N2    1 
ATOM   457 N  N2    B DG  B 1 10 ? 0.584   -10.573 -7.360  0.50 10.51 ? 22  DG  B N2    1 
ATOM   458 N  N3    A DG  B 1 10 ? -0.528  -11.966 -6.007  0.50 11.04 ? 22  DG  B N3    1 
ATOM   459 N  N3    B DG  B 1 10 ? -0.697  -12.002 -6.053  0.50 11.99 ? 22  DG  B N3    1 
ATOM   460 C  C4    A DG  B 1 10 ? -1.785  -12.460 -5.876  0.50 12.87 ? 22  DG  B C4    1 
ATOM   461 C  C4    B DG  B 1 10 ? -1.984  -12.328 -5.771  0.50 9.35  ? 22  DG  B C4    1 
ATOM   462 P  P     A DC  B 1 11 ? 3.618   -14.800 -4.770  0.50 20.05 ? 23  DC  B P     1 
ATOM   463 P  P     B DC  B 1 11 ? 2.348   -16.226 -5.536  0.50 11.25 ? 23  DC  B P     1 
ATOM   464 O  OP1   A DC  B 1 11 ? 4.600   -15.811 -4.283  0.50 21.85 ? 23  DC  B OP1   1 
ATOM   465 O  OP1   B DC  B 1 11 ? 1.245   -16.653 -6.462  0.50 10.46 ? 23  DC  B OP1   1 
ATOM   466 O  OP2   A DC  B 1 11 ? 3.952   -13.366 -4.660  0.50 18.62 ? 23  DC  B OP2   1 
ATOM   467 O  OP2   B DC  B 1 11 ? 3.246   -17.258 -4.962  0.50 15.61 ? 23  DC  B OP2   1 
ATOM   468 O  "O5'" . DC  B 1 11 ? 3.270   -15.134 -6.287  1.00 14.81 ? 23  DC  B "O5'" 1 
ATOM   469 C  "C5'" . DC  B 1 11 ? 4.289   -15.534 -7.210  1.00 15.46 ? 23  DC  B "C5'" 1 
ATOM   470 C  "C4'" . DC  B 1 11 ? 4.399   -14.525 -8.332  1.00 9.94  ? 23  DC  B "C4'" 1 
ATOM   471 O  "O4'" . DC  B 1 11 ? 3.194   -14.591 -9.125  1.00 11.83 ? 23  DC  B "O4'" 1 
ATOM   472 C  "C3'" . DC  B 1 11 ? 4.549   -13.061 -7.893  1.00 15.84 ? 23  DC  B "C3'" 1 
ATOM   473 O  "O3'" . DC  B 1 11 ? 5.447   -12.401 -8.770  1.00 16.89 ? 23  DC  B "O3'" 1 
ATOM   474 C  "C2'" . DC  B 1 11 ? 3.193   -12.445 -8.210  1.00 9.51  ? 23  DC  B "C2'" 1 
ATOM   475 C  "C1'" . DC  B 1 11 ? 2.704   -13.286 -9.375  1.00 10.26 ? 23  DC  B "C1'" 1 
ATOM   476 N  N1    . DC  B 1 11 ? 1.232   -13.360 -9.408  1.00 9.74  ? 23  DC  B N1    1 
ATOM   477 C  C2    . DC  B 1 11 ? 0.541   -12.467 -10.223 1.00 9.84  ? 23  DC  B C2    1 
ATOM   478 O  O2    . DC  B 1 11 ? 1.194   -11.641 -10.910 1.00 10.02 ? 23  DC  B O2    1 
ATOM   479 N  N3    . DC  B 1 11 ? -0.808  -12.527 -10.254 1.00 8.65  ? 23  DC  B N3    1 
ATOM   480 C  C4    . DC  B 1 11 ? -1.465  -13.433 -9.518  1.00 8.57  ? 23  DC  B C4    1 
ATOM   481 N  N4    . DC  B 1 11 ? -2.810  -13.458 -9.602  1.00 9.45  ? 23  DC  B N4    1 
ATOM   482 C  C5    . DC  B 1 11 ? -0.788  -14.350 -8.683  1.00 9.77  ? 23  DC  B C5    1 
ATOM   483 C  C6    . DC  B 1 11 ? 0.551   -14.281 -8.656  1.00 10.82 ? 23  DC  B C6    1 
ATOM   484 P  P     . DG  B 1 12 ? 6.973   -12.148 -8.330  1.00 22.82 ? 24  DG  B P     1 
ATOM   485 O  OP1   . DG  B 1 12 ? 7.003   -11.615 -6.959  1.00 24.21 ? 24  DG  B OP1   1 
ATOM   486 O  OP2   . DG  B 1 12 ? 7.554   -11.379 -9.432  1.00 23.71 ? 24  DG  B OP2   1 
ATOM   487 O  "O5'" . DG  B 1 12 ? 7.601   -13.604 -8.285  1.00 19.01 ? 24  DG  B "O5'" 1 
ATOM   488 C  "C5'" . DG  B 1 12 ? 8.045   -14.241 -9.464  1.00 16.67 ? 24  DG  B "C5'" 1 
ATOM   489 C  "C4'" . DG  B 1 12 ? 8.635   -15.583 -9.112  1.00 15.50 ? 24  DG  B "C4'" 1 
ATOM   490 O  "O4'" . DG  B 1 12 ? 7.573   -16.451 -8.650  1.00 15.82 ? 24  DG  B "O4'" 1 
ATOM   491 C  "C3'" . DG  B 1 12 ? 9.275   -16.299 -10.294 1.00 16.35 ? 24  DG  B "C3'" 1 
ATOM   492 O  "O3'" . DG  B 1 12 ? 10.406  -17.043 -9.838  1.00 19.55 ? 24  DG  B "O3'" 1 
ATOM   493 C  "C2'" . DG  B 1 12 ? 8.183   -17.225 -10.775 1.00 13.60 ? 24  DG  B "C2'" 1 
ATOM   494 C  "C1'" . DG  B 1 12 ? 7.476   -17.595 -9.486  1.00 17.15 ? 24  DG  B "C1'" 1 
ATOM   495 N  N9    . DG  B 1 12 ? 6.057   -17.932 -9.611  1.00 12.50 ? 24  DG  B N9    1 
ATOM   496 C  C8    . DG  B 1 12 ? 5.416   -18.956 -8.967  1.00 15.51 ? 24  DG  B C8    1 
ATOM   497 N  N7    . DG  B 1 12 ? 4.130   -18.984 -9.195  1.00 14.08 ? 24  DG  B N7    1 
ATOM   498 C  C5    . DG  B 1 12 ? 3.908   -17.918 -10.059 1.00 10.71 ? 24  DG  B C5    1 
ATOM   499 C  C6    . DG  B 1 12 ? 2.705   -17.447 -10.642 1.00 10.74 ? 24  DG  B C6    1 
ATOM   500 O  O6    . DG  B 1 12 ? 1.551   -17.867 -10.460 1.00 13.71 ? 24  DG  B O6    1 
ATOM   501 N  N1    . DG  B 1 12 ? 2.934   -16.359 -11.478 1.00 8.46  ? 24  DG  B N1    1 
ATOM   502 C  C2    . DG  B 1 12 ? 4.160   -15.775 -11.689 1.00 9.27  ? 24  DG  B C2    1 
ATOM   503 N  N2    . DG  B 1 12 ? 4.207   -14.690 -12.514 1.00 11.17 ? 24  DG  B N2    1 
ATOM   504 N  N3    . DG  B 1 12 ? 5.281   -16.204 -11.126 1.00 9.88  ? 24  DG  B N3    1 
ATOM   505 C  C4    . DG  B 1 12 ? 5.082   -17.265 -10.337 1.00 11.25 ? 24  DG  B C4    1 
HETATM 506 CU CU    . CU  C 2 .  ? -1.719  -1.089  -6.312  1.00 12.63 ? 25  CU  A CU    1 
HETATM 507 CU CU    . CU  D 2 .  ? 3.050   5.208   3.790   1.00 13.18 ? 26  CU  B CU    1 
HETATM 508 O  O     . HOH E 3 .  ? -2.683  -1.589  -11.146 1.00 31.10 ? 29  HOH A O     1 
HETATM 509 O  O     . HOH E 3 .  ? 7.370   7.716   -3.038  1.00 35.95 ? 31  HOH A O     1 
HETATM 510 O  O     . HOH E 3 .  ? -6.250  9.500   8.757   1.00 31.02 ? 33  HOH A O     1 
HETATM 511 O  O     . HOH E 3 .  ? -6.062  7.184   10.226  1.00 13.88 ? 35  HOH A O     1 
HETATM 512 O  O     . HOH E 3 .  ? 5.837   -6.981  -9.253  1.00 15.81 ? 36  HOH A O     1 
HETATM 513 O  O     . HOH E 3 .  ? 8.706   -4.332  -5.174  1.00 19.20 ? 37  HOH A O     1 
HETATM 514 O  O     . HOH E 3 .  ? -5.999  7.145   17.810  1.00 22.45 ? 38  HOH A O     1 
HETATM 515 O  O     . HOH E 3 .  ? 5.256   -6.034  -5.087  1.00 21.05 ? 45  HOH A O     1 
HETATM 516 O  O     . HOH E 3 .  ? 2.244   -9.023  -14.429 1.00 18.01 ? 46  HOH A O     1 
HETATM 517 O  O     . HOH E 3 .  ? -11.238 4.346   14.028  1.00 20.13 ? 47  HOH A O     1 
HETATM 518 O  O     . HOH E 3 .  ? -5.902  -6.974  -11.437 1.00 16.23 ? 48  HOH A O     1 
HETATM 519 O  O     . HOH E 3 .  ? 3.474   -8.469  -8.894  1.00 19.98 ? 49  HOH A O     1 
HETATM 520 O  O     . HOH E 3 .  ? -6.427  5.612   7.940   1.00 18.90 ? 50  HOH A O     1 
HETATM 521 O  O     . HOH E 3 .  ? 8.686   -4.599  -9.276  1.00 30.91 ? 54  HOH A O     1 
HETATM 522 O  O     . HOH E 3 .  ? -4.601  -1.449  9.292   1.00 22.72 ? 56  HOH A O     1 
HETATM 523 O  O     . HOH E 3 .  ? 5.151   5.517   10.109  1.00 21.50 ? 57  HOH A O     1 
HETATM 524 O  O     . HOH E 3 .  ? 9.880   1.019   -9.488  1.00 30.67 ? 58  HOH A O     1 
HETATM 525 O  O     . HOH E 3 .  ? 3.206   -14.138 -16.020 1.00 29.16 ? 59  HOH A O     1 
HETATM 526 O  O     . HOH E 3 .  ? 8.836   -2.031  3.968   1.00 31.57 ? 60  HOH A O     1 
HETATM 527 O  O     . HOH E 3 .  ? -11.245 16.376  18.158  1.00 28.84 ? 61  HOH A O     1 
HETATM 528 O  O     . HOH E 3 .  ? 7.185   5.898   -5.372  1.00 29.15 ? 63  HOH A O     1 
HETATM 529 O  O     . HOH E 3 .  ? -4.146  5.736   6.345   1.00 23.45 ? 64  HOH A O     1 
HETATM 530 O  O     . HOH E 3 .  ? -6.324  -11.113 -10.108 1.00 28.47 ? 66  HOH A O     1 
HETATM 531 O  O     . HOH E 3 .  ? -8.506  6.637   17.156  1.00 28.06 ? 70  HOH A O     1 
HETATM 532 O  O     . HOH E 3 .  ? 10.258  0.541   -5.294  1.00 24.34 ? 75  HOH A O     1 
HETATM 533 O  O     . HOH E 3 .  ? 1.802   3.255   12.993  1.00 25.71 ? 78  HOH A O     1 
HETATM 534 O  O     . HOH E 3 .  ? 11.449  -2.013  -7.439  1.00 21.76 ? 81  HOH A O     1 
HETATM 535 O  O     . HOH E 3 .  ? 3.193   -11.244 -13.531 1.00 28.63 ? 83  HOH A O     1 
HETATM 536 O  O     . HOH E 3 .  ? -3.492  -17.564 -10.356 1.00 25.26 ? 84  HOH A O     1 
HETATM 537 O  O     . HOH E 3 .  ? -3.030  12.100  10.786  1.00 33.07 ? 88  HOH A O     1 
HETATM 538 O  O     . HOH E 3 .  ? -2.323  -13.502 -19.396 1.00 22.10 ? 89  HOH A O     1 
HETATM 539 O  O     . HOH E 3 .  ? 5.394   -0.739  6.976   1.00 32.67 ? 92  HOH A O     1 
HETATM 540 O  O     . HOH E 3 .  ? 9.844   -2.961  -10.711 1.00 34.89 ? 94  HOH A O     1 
HETATM 541 O  O     . HOH E 3 .  ? -8.006  -12.640 -9.781  1.00 38.52 ? 95  HOH A O     1 
HETATM 542 O  O     . HOH E 3 .  ? -3.066  -7.667  -19.322 1.00 35.59 ? 96  HOH A O     1 
HETATM 543 O  O     . HOH E 3 .  ? -7.282  9.314   6.478   1.00 34.87 ? 97  HOH A O     1 
HETATM 544 O  O     . HOH E 3 .  ? -1.032  -3.545  -2.143  1.00 30.66 ? 98  HOH A O     1 
HETATM 545 O  O     . HOH E 3 .  ? 5.440   -4.856  -7.455  1.00 10.70 ? 99  HOH A O     1 
HETATM 546 O  O     . HOH E 3 .  ? 1.291   4.075   16.865  1.00 41.20 ? 102 HOH A O     1 
HETATM 547 O  O     . HOH E 3 .  ? 1.696   10.248  -1.624  1.00 28.69 ? 103 HOH A O     1 
HETATM 548 O  O     . HOH E 3 .  ? 7.189   -7.567  -2.608  1.00 41.71 ? 106 HOH A O     1 
HETATM 549 O  O     . HOH E 3 .  ? 4.145   9.020   -2.202  1.00 47.85 ? 107 HOH A O     1 
HETATM 550 O  O     . HOH E 3 .  ? -1.233  1.409   1.803   1.00 37.66 ? 108 HOH A O     1 
HETATM 551 O  O     . HOH F 3 .  ? 8.509   -7.772  -6.130  1.00 31.89 ? 27  HOH B O     1 
HETATM 552 O  O     . HOH F 3 .  ? 6.604   -8.463  -5.136  1.00 31.09 ? 28  HOH B O     1 
HETATM 553 O  O     . HOH F 3 .  ? 7.807   -8.385  -8.398  1.00 35.44 ? 30  HOH B O     1 
HETATM 554 O  O     . HOH F 3 .  ? 6.176   -10.682 -11.269 1.00 33.19 ? 32  HOH B O     1 
HETATM 555 O  O     . HOH F 3 .  ? 5.237   8.171   17.143  1.00 34.74 ? 34  HOH B O     1 
HETATM 556 O  O     . HOH F 3 .  ? -3.751  9.741   4.407   1.00 14.06 ? 39  HOH B O     1 
HETATM 557 O  O     . HOH F 3 .  ? -5.309  7.731   4.999   1.00 18.39 ? 40  HOH B O     1 
HETATM 558 O  O     . HOH F 3 .  ? -5.767  -5.135  -9.330  1.00 18.69 ? 41  HOH B O     1 
HETATM 559 O  O     . HOH F 3 .  ? 6.506   -12.879 -12.826 1.00 18.12 ? 42  HOH B O     1 
HETATM 560 O  O     . HOH F 3 .  ? 2.621   6.086   15.687  1.00 24.17 ? 43  HOH B O     1 
HETATM 561 O  O     . HOH F 3 .  ? -0.592  14.262  11.381  1.00 20.10 ? 44  HOH B O     1 
HETATM 562 O  O     . HOH F 3 .  ? 5.820   9.460   -0.397  1.00 16.31 ? 51  HOH B O     1 
HETATM 563 O  O     . HOH F 3 .  ? -4.224  11.520  6.496   1.00 18.60 ? 52  HOH B O     1 
HETATM 564 O  O     . HOH F 3 .  ? 3.102   -10.562 -5.378  1.00 18.12 ? 53  HOH B O     1 
HETATM 565 O  O     . HOH F 3 .  ? -3.887  -15.583 -8.110  1.00 21.36 ? 55  HOH B O     1 
HETATM 566 O  O     . HOH F 3 .  ? 7.175   5.463   2.800   1.00 29.03 ? 62  HOH B O     1 
HETATM 567 O  O     . HOH F 3 .  ? 5.294   7.482   12.251  1.00 20.02 ? 65  HOH B O     1 
HETATM 568 O  O     . HOH F 3 .  ? -5.598  -12.029 -1.369  1.00 33.54 ? 67  HOH B O     1 
HETATM 569 O  O     . HOH F 3 .  ? -3.522  10.330  8.771   1.00 24.23 ? 68  HOH B O     1 
HETATM 570 O  O     . HOH F 3 .  ? 3.022   16.056  18.227  1.00 19.61 ? 69  HOH B O     1 
HETATM 571 O  O     . HOH F 3 .  ? -2.146  -13.121 -0.779  1.00 26.32 ? 71  HOH B O     1 
HETATM 572 O  O     . HOH F 3 .  ? 3.810   -17.757 -2.492  1.00 27.48 ? 72  HOH B O     1 
HETATM 573 O  O     . HOH F 3 .  ? -8.646  7.051   4.063   1.00 31.65 ? 73  HOH B O     1 
HETATM 574 O  O     . HOH F 3 .  ? 6.521   15.551  7.776   1.00 30.00 ? 74  HOH B O     1 
HETATM 575 O  O     . HOH F 3 .  ? -0.135  1.765   4.427   1.00 31.37 ? 76  HOH B O     1 
HETATM 576 O  O     . HOH F 3 .  ? -0.514  15.964  9.451   1.00 28.39 ? 77  HOH B O     1 
HETATM 577 O  O     . HOH F 3 .  ? 2.681   -6.369  -4.150  1.00 24.45 ? 79  HOH B O     1 
HETATM 578 O  O     . HOH F 3 .  ? -6.980  9.556   1.774   1.00 25.74 ? 80  HOH B O     1 
HETATM 579 O  O     . HOH F 3 .  ? -4.430  2.276   -7.320  1.00 32.82 ? 82  HOH B O     1 
HETATM 580 O  O     . HOH F 3 .  ? 0.772   -1.634  -0.884  1.00 21.72 ? 85  HOH B O     1 
HETATM 581 O  O     . HOH F 3 .  ? 6.781   10.179  1.920   1.00 37.97 ? 86  HOH B O     1 
HETATM 582 O  O     . HOH F 3 .  ? 3.085   10.487  17.936  1.00 27.40 ? 87  HOH B O     1 
HETATM 583 O  O     . HOH F 3 .  ? -5.577  12.648  3.150   1.00 36.52 ? 90  HOH B O     1 
HETATM 584 O  O     . HOH F 3 .  ? -5.776  -9.175  -6.440  1.00 32.49 ? 91  HOH B O     1 
HETATM 585 O  O     . HOH F 3 .  ? 11.159  -19.371 -8.423  1.00 32.23 ? 93  HOH B O     1 
HETATM 586 O  O     . HOH F 3 .  ? 4.103   11.313  -0.488  1.00 26.71 ? 100 HOH B O     1 
HETATM 587 O  O     . HOH F 3 .  ? 3.738   -10.085 -11.134 1.00 27.68 ? 101 HOH B O     1 
HETATM 588 O  O     . HOH F 3 .  ? 6.382   16.071  13.440  1.00 35.98 ? 104 HOH B O     1 
HETATM 589 O  O     . HOH F 3 .  ? -8.559  2.889   1.577   1.00 40.88 ? 105 HOH B O     1 
# 
